data_3QJZ
#
_entry.id   3QJZ
#
_cell.length_a   141.513
_cell.length_b   66.871
_cell.length_c   105.720
_cell.angle_alpha   90.00
_cell.angle_beta   96.24
_cell.angle_gamma   90.00
#
_symmetry.space_group_name_H-M   'C 1 2 1'
#
loop_
_entity.id
_entity.type
_entity.pdbx_description
1 polymer 'Phosphatidylinositol-4,5-bisphosphate 3-kinase catalytic subunit gamma isoform'
2 non-polymer N-{6-[2-(methylsulfanyl)pyrimidin-4-yl]-1,3-benzothiazol-2-yl}acetamide
3 non-polymer 'SULFATE ION'
4 water water
#
_entity_poly.entity_id   1
_entity_poly.type   'polypeptide(L)'
_entity_poly.pdbx_seq_one_letter_code
;GSEESQAFQRQLTALIGYDVTDVSNVHDDELEFTRRGLVTPRMAEVASRDPKLYAMHPWVTSKPLPEYLWKKIANNCIFI
VIHRSTTSQTIKVSPDDTPGAILQSFFTKMAKKKSLMDIPESQSEQDFVLRVCGRDEYLVGETPIKNFQWVRHCLKNGEE
IHVVLDTPPDPALDEVRKEEWPLVDDCTGVTGYHEQLTIHGKDHESVFTVSLWDCDRKFRVKIRGIDIPVLPRNTDLTVF
VEANIQHGQQVLCQRRTSPKPFTEEVLWNVWLEFSIKIKDLPKGALLNLQIYCGKAPALSSKASAESPSSESKGKVQLLY
YVNLLLIDHRFLLRRGEYVLHMWQISGKGEDQGSFNADKLTSATNPDKENSMSISILLDNYCHPIALPKHQPTPDPEGDR
VRAEMPNQLRKQLEAIIATDPLNPLTAEDKELLWHFRYESLKHPKAYPKLFSSVKWGQQEIVAKTYQLLARREVWDQSAL
DVGLTMQLLDCNFSDENVRAIAVQKLESLEDDDVLHYLLQLVQAVKFEPYHDSALARFLLKRGLRNKRIGHFLFWFLRSE
IAQSRHYQQRFAVILEAYLRGCGTAMLHDFTQQVQVIEMLQKVTLDIKSLSAEKYDVSSQVISQLKQKLENLQNSQLPES
FRVPYDPGLKAGALAIEKCKVMASKKKPLWLEFKCADPTALSNETIGIIFKHGDDLRQDMLILQILRIMESIWETESLDL
CLLPYGCISTGDKIGMIEIVKDATTIAKIQQSTVGNTGAFKDEVLNHWLKEKSPTEEKFQAAVERFVYSCAGYCVATFVL
GIGDRHNDNIMITETGNLFHIDFGHILGNYKSFLGINKERVPFVLTPDFLFVMGTSGKKTSPHFQKFQDICVKAYLALRH
HTNLLIILFSMMLMTGMPQLTSKEDIEYIRDALTVGKNEEDAKKYFLDQIEVCRDKGWTVQFNWFLHLVLGIKQGEKHSA
;
_entity_poly.pdbx_strand_id   A
#
loop_
_chem_comp.id
_chem_comp.type
_chem_comp.name
_chem_comp.formula
QJZ non-polymer N-{6-[2-(methylsulfanyl)pyrimidin-4-yl]-1,3-benzothiazol-2-yl}acetamide 'C14 H12 N4 O S2'
SO4 non-polymer 'SULFATE ION' 'O4 S -2'
#
# COMPACT_ATOMS: atom_id res chain seq x y z
N SER A 5 -34.42 12.85 -4.47
CA SER A 5 -34.31 13.38 -3.09
C SER A 5 -32.92 13.08 -2.53
N GLN A 6 -32.85 12.79 -1.23
CA GLN A 6 -31.60 12.44 -0.55
C GLN A 6 -31.34 10.93 -0.53
N ALA A 7 -32.14 10.17 -1.29
CA ALA A 7 -31.92 8.72 -1.45
C ALA A 7 -30.53 8.45 -2.00
N PHE A 8 -29.96 9.49 -2.63
CA PHE A 8 -28.60 9.53 -3.11
C PHE A 8 -27.58 9.35 -1.96
N GLN A 9 -27.90 9.91 -0.80
CA GLN A 9 -27.05 9.76 0.38
C GLN A 9 -27.11 8.33 0.93
N ARG A 10 -28.18 7.61 0.62
CA ARG A 10 -28.31 6.23 1.07
C ARG A 10 -27.47 5.30 0.19
N GLN A 11 -27.38 5.60 -1.09
CA GLN A 11 -26.59 4.77 -1.99
C GLN A 11 -25.12 5.00 -1.72
N LEU A 12 -24.71 6.28 -1.65
CA LEU A 12 -23.38 6.62 -1.15
C LEU A 12 -23.05 5.81 0.10
N THR A 13 -23.88 5.90 1.13
CA THR A 13 -23.68 5.10 2.33
C THR A 13 -23.39 3.62 2.04
N ALA A 14 -24.16 3.03 1.14
CA ALA A 14 -24.01 1.62 0.78
C ALA A 14 -22.73 1.36 -0.03
N LEU A 15 -22.36 2.30 -0.90
CA LEU A 15 -21.11 2.22 -1.61
C LEU A 15 -19.97 2.30 -0.61
N ILE A 16 -20.07 3.27 0.31
CA ILE A 16 -18.98 3.64 1.21
C ILE A 16 -18.80 2.59 2.30
N GLY A 17 -19.90 2.03 2.78
CA GLY A 17 -19.89 1.11 3.91
C GLY A 17 -19.90 1.82 5.25
N TYR A 18 -20.17 3.13 5.24
CA TYR A 18 -20.28 3.93 6.46
C TYR A 18 -21.08 5.21 6.19
N ASP A 19 -21.91 5.60 7.18
CA ASP A 19 -22.74 6.80 7.07
C ASP A 19 -22.05 8.07 7.60
N VAL A 20 -21.52 8.87 6.68
CA VAL A 20 -20.83 10.12 7.00
C VAL A 20 -21.72 11.22 7.59
N THR A 21 -23.04 11.06 7.51
CA THR A 21 -23.94 12.05 8.09
C THR A 21 -24.15 11.76 9.56
N ASP A 22 -24.15 10.46 9.88
CA ASP A 22 -24.35 9.93 11.23
C ASP A 22 -23.45 10.65 12.24
N VAL A 23 -24.03 11.66 12.90
CA VAL A 23 -23.27 12.52 13.82
C VAL A 23 -23.34 12.05 15.27
N SER A 24 -23.41 10.74 15.45
CA SER A 24 -23.35 10.13 16.76
C SER A 24 -21.95 10.29 17.38
N ASN A 25 -20.95 9.64 16.79
CA ASN A 25 -19.63 9.48 17.40
C ASN A 25 -18.73 10.71 17.27
N VAL A 26 -19.28 11.90 17.50
CA VAL A 26 -18.51 13.16 17.41
C VAL A 26 -18.72 14.14 18.57
N HIS A 27 -17.62 14.68 19.08
CA HIS A 27 -17.61 15.67 20.16
C HIS A 27 -17.32 17.07 19.60
N ASP A 28 -17.16 17.16 18.29
CA ASP A 28 -17.02 18.43 17.60
C ASP A 28 -17.45 18.23 16.16
N ASP A 29 -17.26 19.22 15.30
CA ASP A 29 -17.73 19.10 13.93
C ASP A 29 -16.62 19.13 12.87
N GLU A 30 -15.53 18.39 13.10
CA GLU A 30 -14.43 18.37 12.14
C GLU A 30 -14.76 17.60 10.88
N LEU A 31 -15.40 16.44 11.02
CA LEU A 31 -15.80 15.63 9.86
C LEU A 31 -16.73 16.39 8.92
N GLU A 32 -17.75 17.03 9.50
CA GLU A 32 -18.68 17.88 8.75
C GLU A 32 -17.96 19.04 8.06
N PHE A 33 -17.17 19.78 8.82
CA PHE A 33 -16.33 20.86 8.29
C PHE A 33 -15.42 20.40 7.14
N THR A 34 -15.00 19.14 7.18
CA THR A 34 -14.17 18.56 6.15
C THR A 34 -15.03 18.20 4.93
N ARG A 35 -16.19 17.61 5.17
CA ARG A 35 -17.13 17.32 4.09
C ARG A 35 -17.38 18.62 3.37
N ARG A 36 -17.54 19.69 4.14
CA ARG A 36 -17.78 21.00 3.58
C ARG A 36 -16.52 21.52 2.91
N GLY A 37 -15.37 21.31 3.55
CA GLY A 37 -14.09 21.77 3.03
C GLY A 37 -13.71 21.19 1.67
N LEU A 38 -14.04 19.91 1.44
CA LEU A 38 -13.58 19.20 0.25
C LEU A 38 -14.45 19.41 -1.00
N VAL A 39 -15.47 20.25 -0.86
CA VAL A 39 -16.35 20.57 -1.98
C VAL A 39 -15.61 21.27 -3.14
N THR A 40 -14.78 22.27 -2.82
CA THR A 40 -14.08 23.04 -3.86
C THR A 40 -12.94 22.29 -4.57
N PRO A 41 -12.14 21.48 -3.83
CA PRO A 41 -11.23 20.56 -4.52
C PRO A 41 -11.96 19.60 -5.45
N ARG A 42 -13.09 19.07 -4.98
CA ARG A 42 -13.91 18.18 -5.80
C ARG A 42 -14.40 18.88 -7.06
N MET A 43 -15.00 20.06 -6.87
CA MET A 43 -15.53 20.85 -7.97
C MET A 43 -14.46 21.41 -8.93
N ALA A 44 -13.28 21.73 -8.38
CA ALA A 44 -12.21 22.29 -9.20
C ALA A 44 -11.66 21.24 -10.17
N GLU A 45 -11.43 20.04 -9.67
CA GLU A 45 -10.88 18.96 -10.47
C GLU A 45 -11.89 18.47 -11.49
N VAL A 46 -13.17 18.47 -11.12
CA VAL A 46 -14.24 18.08 -12.04
C VAL A 46 -14.31 19.06 -13.21
N ALA A 47 -14.19 20.34 -12.91
CA ALA A 47 -14.19 21.38 -13.92
C ALA A 47 -12.95 21.28 -14.81
N SER A 48 -11.78 21.10 -14.19
CA SER A 48 -10.51 21.11 -14.92
C SER A 48 -10.33 19.91 -15.87
N ARG A 49 -10.99 18.80 -15.58
CA ARG A 49 -10.76 17.56 -16.31
C ARG A 49 -11.30 17.53 -17.75
N ASP A 50 -10.53 16.88 -18.64
CA ASP A 50 -10.92 16.71 -20.04
C ASP A 50 -11.84 15.50 -20.17
N PRO A 51 -13.08 15.70 -20.68
CA PRO A 51 -14.08 14.64 -20.74
C PRO A 51 -13.62 13.46 -21.59
N LYS A 52 -12.97 13.75 -22.71
CA LYS A 52 -12.45 12.72 -23.62
C LYS A 52 -11.44 11.84 -22.90
N LEU A 53 -10.27 12.41 -22.60
CA LEU A 53 -9.19 11.69 -21.92
C LEU A 53 -9.63 11.01 -20.63
N TYR A 54 -10.47 11.69 -19.86
CA TYR A 54 -11.04 11.10 -18.66
C TYR A 54 -11.96 9.91 -18.96
N ALA A 55 -12.60 9.91 -20.13
CA ALA A 55 -13.53 8.83 -20.47
C ALA A 55 -12.81 7.55 -20.88
N MET A 56 -11.59 7.71 -21.40
CA MET A 56 -10.79 6.60 -21.95
C MET A 56 -9.60 6.17 -21.08
N HIS A 57 -9.10 7.09 -20.25
CA HIS A 57 -8.06 6.79 -19.25
C HIS A 57 -6.77 6.14 -19.79
N PRO A 58 -6.09 6.80 -20.74
CA PRO A 58 -4.87 6.21 -21.32
C PRO A 58 -3.78 5.99 -20.29
N TRP A 59 -3.38 4.75 -20.09
CA TRP A 59 -2.33 4.40 -19.15
C TRP A 59 -0.97 4.66 -19.77
N VAL A 60 -0.28 5.68 -19.25
CA VAL A 60 0.87 6.25 -19.94
C VAL A 60 2.07 6.51 -19.02
N THR A 61 3.23 6.72 -19.65
CA THR A 61 4.48 6.94 -18.92
C THR A 61 5.37 7.98 -19.59
N SER A 62 6.42 8.39 -18.88
CA SER A 62 7.46 9.25 -19.43
C SER A 62 8.81 8.53 -19.36
N LYS A 63 8.87 7.53 -18.47
CA LYS A 63 10.10 6.82 -18.15
C LYS A 63 10.71 6.14 -19.37
N PRO A 64 12.06 6.27 -19.55
CA PRO A 64 12.73 5.72 -20.71
C PRO A 64 12.55 4.22 -20.81
N LEU A 65 12.05 3.75 -21.95
CA LEU A 65 11.91 2.32 -22.20
C LEU A 65 13.21 1.59 -21.87
N PRO A 66 13.14 0.58 -20.97
CA PRO A 66 14.36 -0.07 -20.50
C PRO A 66 15.06 -0.83 -21.61
N GLU A 67 16.37 -1.03 -21.46
CA GLU A 67 17.20 -1.62 -22.51
C GLU A 67 16.78 -3.05 -22.87
N TYR A 68 16.54 -3.88 -21.86
CA TYR A 68 16.13 -5.28 -22.08
C TYR A 68 14.88 -5.40 -22.95
N LEU A 69 14.03 -4.36 -22.95
CA LEU A 69 12.86 -4.30 -23.82
C LEU A 69 13.20 -3.85 -25.25
N TRP A 70 14.22 -3.01 -25.39
CA TRP A 70 14.74 -2.62 -26.71
C TRP A 70 15.41 -3.80 -27.43
N LYS A 71 15.84 -4.79 -26.64
CA LYS A 71 16.39 -6.03 -27.17
C LYS A 71 15.29 -6.89 -27.82
N LYS A 72 14.03 -6.61 -27.47
CA LYS A 72 12.88 -7.23 -28.12
C LYS A 72 12.24 -6.30 -29.16
N ILE A 73 12.95 -5.22 -29.49
CA ILE A 73 12.66 -4.39 -30.67
C ILE A 73 13.97 -4.28 -31.47
N ALA A 74 14.49 -5.42 -31.88
CA ALA A 74 15.79 -5.51 -32.58
C ALA A 74 15.69 -5.09 -34.05
N ASN A 75 14.48 -4.74 -34.49
CA ASN A 75 14.22 -4.36 -35.89
C ASN A 75 13.90 -2.87 -36.06
N ASN A 76 13.72 -2.19 -34.93
CA ASN A 76 13.20 -0.80 -34.89
C ASN A 76 11.74 -0.77 -35.40
N CYS A 77 11.02 -1.85 -35.12
CA CYS A 77 9.67 -2.05 -35.62
C CYS A 77 8.80 -2.78 -34.59
N ILE A 78 7.50 -2.52 -34.64
CA ILE A 78 6.54 -3.13 -33.71
C ILE A 78 5.26 -3.56 -34.43
N PHE A 79 4.87 -4.83 -34.24
CA PHE A 79 3.69 -5.41 -34.87
C PHE A 79 2.40 -5.10 -34.09
N ILE A 80 1.39 -4.60 -34.79
CA ILE A 80 0.07 -4.34 -34.21
C ILE A 80 -1.01 -4.99 -35.07
N VAL A 81 -1.91 -5.74 -34.44
CA VAL A 81 -3.01 -6.40 -35.15
C VAL A 81 -4.31 -5.63 -34.92
N ILE A 82 -4.83 -5.00 -35.98
CA ILE A 82 -6.08 -4.24 -35.91
C ILE A 82 -7.30 -5.10 -36.30
N HIS A 83 -8.41 -4.94 -35.58
CA HIS A 83 -9.58 -5.80 -35.76
C HIS A 83 -10.84 -5.03 -36.15
N THR A 87 -12.17 -10.90 -39.10
CA THR A 87 -11.37 -10.15 -40.05
C THR A 87 -10.41 -9.19 -39.35
N SER A 88 -9.11 -9.31 -39.66
CA SER A 88 -8.06 -8.52 -39.02
C SER A 88 -6.82 -8.38 -39.90
N GLN A 89 -6.01 -7.35 -39.64
CA GLN A 89 -4.79 -7.07 -40.42
C GLN A 89 -3.62 -6.59 -39.57
N THR A 90 -2.44 -7.15 -39.82
CA THR A 90 -1.20 -6.75 -39.14
C THR A 90 -0.62 -5.47 -39.76
N ILE A 91 -0.08 -4.59 -38.93
CA ILE A 91 0.56 -3.34 -39.39
C ILE A 91 1.92 -3.09 -38.71
N LYS A 92 2.89 -2.64 -39.49
CA LYS A 92 4.21 -2.26 -38.98
C LYS A 92 4.17 -0.81 -38.50
N VAL A 93 4.73 -0.57 -37.31
CA VAL A 93 4.69 0.75 -36.66
C VAL A 93 6.04 1.09 -36.00
N SER A 94 6.52 2.31 -36.23
CA SER A 94 7.74 2.82 -35.60
C SER A 94 7.55 3.09 -34.08
N PRO A 95 8.58 2.76 -33.26
CA PRO A 95 8.53 2.95 -31.80
C PRO A 95 7.87 4.23 -31.30
N ASP A 96 8.17 5.37 -31.93
CA ASP A 96 7.60 6.65 -31.46
C ASP A 96 6.56 7.27 -32.38
N ASP A 97 5.63 6.44 -32.85
CA ASP A 97 4.45 6.88 -33.61
C ASP A 97 3.26 7.08 -32.66
N THR A 98 2.52 8.16 -32.85
CA THR A 98 1.31 8.43 -32.08
C THR A 98 0.21 7.46 -32.52
N PRO A 99 -0.68 7.05 -31.58
CA PRO A 99 -1.92 6.39 -32.01
C PRO A 99 -2.80 7.35 -32.80
N GLY A 100 -2.59 8.65 -32.60
CA GLY A 100 -3.24 9.69 -33.41
C GLY A 100 -2.67 9.74 -34.82
N ALA A 101 -1.40 9.34 -34.97
CA ALA A 101 -0.72 9.32 -36.27
C ALA A 101 -1.04 8.05 -37.05
N ILE A 102 -0.76 6.89 -36.46
CA ILE A 102 -0.98 5.61 -37.13
C ILE A 102 -2.45 5.30 -37.44
N LEU A 103 -3.34 6.22 -37.13
CA LEU A 103 -4.73 6.14 -37.61
C LEU A 103 -4.81 6.61 -39.05
N GLN A 104 -4.01 7.63 -39.38
CA GLN A 104 -3.89 8.11 -40.76
C GLN A 104 -3.01 7.17 -41.60
N SER A 105 -2.58 6.07 -40.98
CA SER A 105 -1.80 5.04 -41.65
C SER A 105 -2.72 4.01 -42.30
N PHE A 106 -3.42 4.44 -43.36
CA PHE A 106 -4.34 3.58 -44.10
C PHE A 106 -4.32 3.85 -45.60
N VAL A 129 -10.50 5.60 -32.91
CA VAL A 129 -9.98 5.29 -31.58
C VAL A 129 -9.49 3.83 -31.45
N LEU A 130 -8.25 3.68 -31.00
CA LEU A 130 -7.58 2.37 -30.91
C LEU A 130 -7.75 1.70 -29.54
N ARG A 131 -8.65 0.73 -29.46
CA ARG A 131 -8.99 0.11 -28.18
C ARG A 131 -8.48 -1.33 -28.07
N VAL A 132 -7.91 -1.69 -26.92
CA VAL A 132 -7.37 -3.06 -26.73
C VAL A 132 -8.48 -4.11 -26.71
N CYS A 133 -8.22 -5.22 -27.40
CA CYS A 133 -9.18 -6.32 -27.50
C CYS A 133 -9.51 -6.94 -26.15
N GLY A 134 -10.82 -7.01 -25.85
CA GLY A 134 -11.31 -7.62 -24.62
C GLY A 134 -11.16 -6.79 -23.36
N ARG A 135 -10.37 -5.73 -23.45
CA ARG A 135 -10.11 -4.87 -22.31
C ARG A 135 -10.70 -3.49 -22.50
N ASP A 136 -10.90 -2.80 -21.37
CA ASP A 136 -11.42 -1.45 -21.38
C ASP A 136 -10.28 -0.44 -21.44
N GLU A 137 -9.24 -0.75 -22.22
CA GLU A 137 -8.03 0.05 -22.30
C GLU A 137 -7.87 0.69 -23.68
N TYR A 138 -7.76 2.02 -23.73
CA TYR A 138 -7.68 2.75 -25.00
C TYR A 138 -6.30 3.36 -25.18
N LEU A 139 -5.81 3.35 -26.42
CA LEU A 139 -4.54 3.99 -26.77
C LEU A 139 -4.79 5.34 -27.46
N VAL A 140 -4.73 6.42 -26.68
CA VAL A 140 -5.07 7.77 -27.16
C VAL A 140 -4.17 8.87 -26.59
N GLY A 141 -3.96 9.93 -27.38
CA GLY A 141 -3.23 11.12 -26.92
C GLY A 141 -1.81 11.27 -27.44
N GLU A 142 -1.24 12.47 -27.27
CA GLU A 142 0.10 12.78 -27.78
C GLU A 142 1.26 12.11 -27.03
N THR A 143 1.47 10.82 -27.30
CA THR A 143 2.64 10.07 -26.83
C THR A 143 2.94 8.88 -27.74
N PRO A 144 4.24 8.59 -27.97
CA PRO A 144 4.72 7.39 -28.66
C PRO A 144 4.01 6.12 -28.20
N ILE A 145 3.83 5.15 -29.10
CA ILE A 145 3.19 3.89 -28.71
C ILE A 145 4.01 3.14 -27.67
N LYS A 146 5.34 3.33 -27.70
CA LYS A 146 6.22 2.77 -26.67
C LYS A 146 5.90 3.29 -25.26
N ASN A 147 5.26 4.46 -25.18
CA ASN A 147 4.92 5.10 -23.91
C ASN A 147 3.59 4.66 -23.31
N PHE A 148 2.95 3.65 -23.92
CA PHE A 148 1.72 3.08 -23.41
C PHE A 148 2.03 1.80 -22.64
N GLN A 149 1.49 1.68 -21.44
CA GLN A 149 1.83 0.55 -20.57
C GLN A 149 1.47 -0.80 -21.16
N TRP A 150 0.35 -0.87 -21.86
CA TRP A 150 -0.11 -2.14 -22.41
C TRP A 150 0.86 -2.65 -23.47
N VAL A 151 1.41 -1.73 -24.24
CA VAL A 151 2.45 -2.04 -25.24
C VAL A 151 3.68 -2.60 -24.52
N ARG A 152 4.10 -1.91 -23.47
CA ARG A 152 5.23 -2.33 -22.66
C ARG A 152 4.95 -3.66 -21.96
N HIS A 153 3.70 -3.90 -21.60
CA HIS A 153 3.28 -5.17 -21.00
C HIS A 153 3.45 -6.33 -21.99
N CYS A 154 3.05 -6.09 -23.24
CA CYS A 154 3.11 -7.09 -24.30
C CYS A 154 4.55 -7.47 -24.67
N LEU A 155 5.39 -6.45 -24.89
CA LEU A 155 6.79 -6.64 -25.29
C LEU A 155 7.57 -7.46 -24.26
N LYS A 156 7.24 -7.25 -22.98
CA LYS A 156 7.83 -7.97 -21.86
C LYS A 156 7.55 -9.47 -21.96
N ASN A 157 6.43 -9.81 -22.59
CA ASN A 157 5.91 -11.18 -22.65
C ASN A 157 5.96 -11.82 -24.05
N GLY A 158 6.23 -11.00 -25.06
CA GLY A 158 6.27 -11.47 -26.45
C GLY A 158 4.92 -11.96 -26.94
N GLU A 159 3.90 -11.12 -26.78
CA GLU A 159 2.55 -11.44 -27.24
C GLU A 159 2.01 -10.32 -28.11
N GLU A 160 1.47 -10.71 -29.26
CA GLU A 160 1.02 -9.80 -30.32
C GLU A 160 -0.07 -8.83 -29.84
N ILE A 161 0.15 -7.54 -30.09
CA ILE A 161 -0.76 -6.47 -29.64
C ILE A 161 -2.07 -6.45 -30.46
N HIS A 162 -3.13 -6.95 -29.84
CA HIS A 162 -4.44 -6.99 -30.48
C HIS A 162 -5.30 -5.80 -30.06
N VAL A 163 -5.77 -5.07 -31.05
CA VAL A 163 -6.46 -3.81 -30.84
C VAL A 163 -7.71 -3.75 -31.72
N VAL A 164 -8.88 -3.67 -31.10
CA VAL A 164 -10.12 -3.49 -31.82
C VAL A 164 -10.25 -2.03 -32.29
N LEU A 165 -10.63 -1.86 -33.55
CA LEU A 165 -10.85 -0.55 -34.12
C LEU A 165 -12.21 -0.10 -33.60
N ASP A 166 -12.20 0.85 -32.68
CA ASP A 166 -13.42 1.25 -31.99
C ASP A 166 -13.70 2.76 -32.01
N THR A 167 -14.94 3.11 -31.71
CA THR A 167 -15.38 4.49 -31.58
C THR A 167 -15.61 4.77 -30.10
N PRO A 168 -15.08 5.91 -29.59
CA PRO A 168 -14.99 6.21 -28.15
C PRO A 168 -16.31 6.25 -27.39
N PRO A 169 -16.32 5.82 -26.11
CA PRO A 169 -17.53 5.92 -25.29
C PRO A 169 -17.89 7.37 -24.96
N ASP A 170 -19.18 7.59 -24.68
CA ASP A 170 -19.76 8.92 -24.44
C ASP A 170 -19.23 9.57 -23.16
N PRO A 171 -18.53 10.71 -23.28
CA PRO A 171 -18.11 11.51 -22.12
C PRO A 171 -19.29 12.06 -21.30
N ALA A 172 -20.49 12.02 -21.87
CA ALA A 172 -21.69 12.45 -21.18
C ALA A 172 -22.09 11.48 -20.06
N LEU A 173 -21.54 10.27 -20.10
CA LEU A 173 -21.82 9.28 -19.07
C LEU A 173 -20.99 9.56 -17.81
N ASP A 174 -20.07 10.50 -17.90
CA ASP A 174 -19.30 10.98 -16.74
C ASP A 174 -20.07 12.06 -15.98
N GLU A 175 -21.36 12.18 -16.25
CA GLU A 175 -22.23 13.20 -15.65
C GLU A 175 -22.18 13.16 -14.13
N VAL A 176 -21.90 14.31 -13.53
CA VAL A 176 -21.87 14.43 -12.07
C VAL A 176 -23.16 15.10 -11.62
N ARG A 177 -23.83 14.48 -10.66
CA ARG A 177 -25.09 15.00 -10.12
C ARG A 177 -24.92 16.42 -9.59
N LYS A 178 -25.89 17.29 -9.90
CA LYS A 178 -25.76 18.73 -9.65
C LYS A 178 -25.83 19.14 -8.17
N GLU A 179 -24.66 19.23 -7.55
CA GLU A 179 -24.49 19.79 -6.20
C GLU A 179 -23.07 20.32 -6.01
N ASP A 214 -0.50 35.44 22.55
CA ASP A 214 -0.49 36.46 23.60
C ASP A 214 -1.20 35.99 24.89
N CYS A 215 -1.04 34.70 25.22
CA CYS A 215 -1.64 34.12 26.42
C CYS A 215 -0.60 33.38 27.25
N ASP A 216 -0.16 34.03 28.33
CA ASP A 216 0.99 33.55 29.11
C ASP A 216 0.71 32.47 30.14
N ARG A 217 -0.57 32.21 30.42
CA ARG A 217 -0.96 31.18 31.38
C ARG A 217 -0.48 29.79 30.96
N LYS A 218 -0.17 28.96 31.95
CA LYS A 218 0.20 27.57 31.68
C LYS A 218 -1.04 26.74 31.35
N PHE A 219 -0.95 25.96 30.28
CA PHE A 219 -2.06 25.10 29.87
C PHE A 219 -2.35 24.04 30.94
N ARG A 220 -3.63 23.73 31.11
CA ARG A 220 -4.07 22.81 32.13
C ARG A 220 -5.36 22.09 31.76
N VAL A 221 -5.54 20.90 32.35
CA VAL A 221 -6.73 20.10 32.12
C VAL A 221 -7.27 19.58 33.44
N LYS A 222 -8.59 19.60 33.57
CA LYS A 222 -9.27 18.98 34.69
C LYS A 222 -9.67 17.57 34.29
N ILE A 223 -9.07 16.58 34.96
CA ILE A 223 -9.52 15.19 34.87
C ILE A 223 -10.60 15.02 35.91
N ARG A 224 -11.82 14.77 35.45
CA ARG A 224 -12.93 14.55 36.37
C ARG A 224 -12.89 13.12 36.87
N GLY A 225 -12.99 12.18 35.94
CA GLY A 225 -12.99 10.78 36.29
C GLY A 225 -13.19 9.91 35.07
N ILE A 226 -13.17 8.60 35.32
CA ILE A 226 -13.33 7.61 34.28
C ILE A 226 -14.49 6.67 34.62
N ASP A 227 -15.09 6.04 33.61
CA ASP A 227 -16.22 5.13 33.85
C ASP A 227 -16.24 3.89 32.95
N ILE A 228 -16.28 2.71 33.58
CA ILE A 228 -16.48 1.43 32.88
C ILE A 228 -17.76 0.71 33.34
N PRO A 229 -18.55 0.15 32.40
CA PRO A 229 -19.72 -0.65 32.78
C PRO A 229 -19.36 -1.93 33.56
N VAL A 230 -18.30 -2.63 33.15
CA VAL A 230 -17.82 -3.81 33.87
C VAL A 230 -16.35 -3.69 34.28
N THR A 238 -4.38 0.97 42.07
CA THR A 238 -4.58 0.12 40.91
C THR A 238 -4.80 0.85 39.59
N VAL A 239 -5.31 2.09 39.64
CA VAL A 239 -5.55 2.86 38.41
C VAL A 239 -5.21 4.34 38.50
N PHE A 240 -4.58 4.86 37.43
CA PHE A 240 -4.30 6.29 37.29
C PHE A 240 -4.32 6.76 35.83
N VAL A 241 -4.76 7.98 35.62
CA VAL A 241 -4.79 8.59 34.30
C VAL A 241 -3.47 9.28 34.05
N GLU A 242 -3.02 9.25 32.80
CA GLU A 242 -1.83 9.98 32.37
C GLU A 242 -2.20 10.89 31.22
N ALA A 243 -1.78 12.15 31.28
CA ALA A 243 -2.07 13.09 30.21
C ALA A 243 -0.78 13.52 29.56
N ASN A 244 -0.76 13.54 28.23
CA ASN A 244 0.42 13.97 27.49
C ASN A 244 0.10 14.97 26.40
N ILE A 245 0.82 16.08 26.40
CA ILE A 245 0.77 17.01 25.28
C ILE A 245 1.75 16.50 24.23
N GLN A 246 1.21 16.07 23.09
CA GLN A 246 2.01 15.45 22.05
C GLN A 246 1.98 16.19 20.74
N HIS A 247 3.13 16.24 20.09
CA HIS A 247 3.24 16.76 18.76
C HIS A 247 4.03 15.74 17.99
N GLY A 248 3.34 15.01 17.13
CA GLY A 248 3.94 13.93 16.35
C GLY A 248 4.96 13.11 17.12
N GLN A 249 4.47 12.22 17.98
CA GLN A 249 5.34 11.28 18.69
C GLN A 249 6.29 11.92 19.73
N GLN A 250 6.50 13.23 19.63
CA GLN A 250 7.18 13.97 20.70
C GLN A 250 6.22 14.17 21.87
N VAL A 251 6.74 13.96 23.09
CA VAL A 251 5.99 14.29 24.30
C VAL A 251 6.49 15.61 24.85
N LEU A 252 5.75 16.68 24.57
CA LEU A 252 6.11 18.03 25.00
C LEU A 252 6.01 18.19 26.51
N CYS A 253 5.06 17.49 27.12
CA CYS A 253 4.88 17.52 28.56
C CYS A 253 4.06 16.33 29.05
N GLN A 254 4.16 16.00 30.33
CA GLN A 254 3.50 14.83 30.87
C GLN A 254 3.10 15.01 32.33
N ARG A 255 1.85 14.68 32.63
CA ARG A 255 1.33 14.72 33.99
C ARG A 255 0.60 13.41 34.29
N ARG A 256 0.56 13.06 35.58
CA ARG A 256 -0.15 11.87 36.05
C ARG A 256 -1.19 12.26 37.10
N THR A 257 -2.18 11.39 37.32
CA THR A 257 -3.06 11.53 38.47
C THR A 257 -2.54 10.69 39.62
N SER A 258 -3.11 10.90 40.80
CA SER A 258 -2.86 10.03 41.93
C SER A 258 -3.56 8.72 41.65
N PRO A 259 -2.95 7.58 42.03
CA PRO A 259 -3.64 6.29 41.93
C PRO A 259 -4.88 6.21 42.83
N LYS A 260 -5.86 5.42 42.41
CA LYS A 260 -7.12 5.21 43.14
C LYS A 260 -7.56 3.77 42.93
N PRO A 261 -8.22 3.17 43.93
CA PRO A 261 -8.76 1.82 43.72
C PRO A 261 -9.60 1.78 42.46
N PHE A 262 -9.46 0.71 41.68
CA PHE A 262 -10.11 0.59 40.38
C PHE A 262 -11.51 0.03 40.51
N THR A 263 -12.49 0.93 40.61
CA THR A 263 -13.89 0.52 40.62
C THR A 263 -14.54 0.91 39.31
N GLU A 264 -15.83 0.63 39.17
CA GLU A 264 -16.54 0.96 37.93
C GLU A 264 -16.41 2.44 37.60
N GLU A 265 -16.53 3.29 38.62
CA GLU A 265 -16.42 4.73 38.44
C GLU A 265 -15.33 5.26 39.37
N VAL A 266 -14.35 5.96 38.80
CA VAL A 266 -13.24 6.52 39.59
C VAL A 266 -13.03 8.01 39.32
N LEU A 267 -13.36 8.83 40.32
CA LEU A 267 -13.32 10.30 40.20
C LEU A 267 -12.12 10.89 40.93
N TRP A 268 -11.47 11.88 40.29
CA TRP A 268 -10.29 12.56 40.83
C TRP A 268 -10.58 14.03 41.02
N ASN A 269 -11.40 14.55 40.11
CA ASN A 269 -11.67 15.99 39.96
C ASN A 269 -10.44 16.91 40.12
N VAL A 270 -9.25 16.37 39.87
CA VAL A 270 -7.99 17.13 39.92
C VAL A 270 -7.81 18.04 38.71
N TRP A 271 -7.10 19.14 38.93
CA TRP A 271 -6.51 19.88 37.84
C TRP A 271 -5.15 19.29 37.59
N LEU A 272 -4.82 19.06 36.33
CA LEU A 272 -3.47 18.77 35.91
C LEU A 272 -2.94 20.02 35.23
N GLU A 273 -1.92 20.63 35.83
CA GLU A 273 -1.30 21.82 35.26
C GLU A 273 0.04 21.48 34.59
N PHE A 274 0.11 21.66 33.27
CA PHE A 274 1.34 21.39 32.54
C PHE A 274 2.29 22.58 32.63
N SER A 275 3.56 22.37 32.28
CA SER A 275 4.56 23.43 32.31
C SER A 275 4.62 24.23 31.00
N ILE A 276 4.32 23.57 29.89
CA ILE A 276 4.14 24.23 28.59
C ILE A 276 3.06 25.32 28.67
N LYS A 277 3.48 26.58 28.46
CA LYS A 277 2.55 27.71 28.45
C LYS A 277 1.59 27.65 27.24
N ILE A 278 0.38 28.19 27.41
CA ILE A 278 -0.66 28.15 26.37
C ILE A 278 -0.18 28.66 25.02
N LYS A 279 0.64 29.70 25.03
CA LYS A 279 1.15 30.27 23.79
C LYS A 279 2.07 29.31 23.03
N ASP A 280 2.65 28.36 23.76
CA ASP A 280 3.58 27.37 23.22
C ASP A 280 2.92 26.10 22.66
N LEU A 281 1.59 26.10 22.54
CA LEU A 281 0.91 24.98 21.90
C LEU A 281 0.99 25.15 20.39
N PRO A 282 1.58 24.17 19.68
CA PRO A 282 1.56 24.19 18.21
C PRO A 282 0.31 23.51 17.64
N LYS A 283 -0.13 23.97 16.47
CA LYS A 283 -1.26 23.35 15.81
C LYS A 283 -0.93 21.92 15.46
N GLY A 284 -1.86 21.02 15.76
CA GLY A 284 -1.66 19.59 15.53
C GLY A 284 -1.21 18.90 16.81
N ALA A 285 -1.33 19.59 17.92
CA ALA A 285 -0.91 19.05 19.21
C ALA A 285 -2.06 18.30 19.87
N LEU A 286 -1.77 17.06 20.28
CA LEU A 286 -2.76 16.18 20.89
C LEU A 286 -2.63 16.14 22.38
N LEU A 287 -3.76 16.20 23.06
CA LEU A 287 -3.81 15.73 24.43
C LEU A 287 -4.07 14.24 24.29
N ASN A 288 -3.11 13.44 24.72
CA ASN A 288 -3.24 11.99 24.70
C ASN A 288 -3.47 11.47 26.10
N LEU A 289 -4.69 11.00 26.37
CA LEU A 289 -5.03 10.46 27.69
C LEU A 289 -4.87 8.95 27.73
N GLN A 290 -4.18 8.46 28.74
CA GLN A 290 -3.90 7.03 28.87
C GLN A 290 -4.22 6.52 30.27
N ILE A 291 -4.82 5.34 30.35
CA ILE A 291 -5.14 4.74 31.64
C ILE A 291 -4.24 3.55 31.92
N TYR A 292 -3.59 3.60 33.08
CA TYR A 292 -2.66 2.55 33.48
C TYR A 292 -3.13 1.76 34.68
N CYS A 293 -2.86 0.45 34.63
CA CYS A 293 -2.98 -0.43 35.79
C CYS A 293 -1.62 -1.02 36.17
N VAL A 316 2.78 -2.23 36.07
CA VAL A 316 2.12 -1.18 35.30
C VAL A 316 1.84 -1.59 33.84
N GLN A 317 0.57 -1.50 33.46
CA GLN A 317 0.14 -1.83 32.10
C GLN A 317 -0.84 -0.80 31.53
N LEU A 318 -0.57 -0.35 30.31
CA LEU A 318 -1.49 0.51 29.60
C LEU A 318 -2.76 -0.29 29.26
N LEU A 319 -3.92 0.33 29.39
CA LEU A 319 -5.20 -0.37 29.19
C LEU A 319 -6.11 0.29 28.18
N TYR A 320 -6.13 1.62 28.21
CA TYR A 320 -7.04 2.40 27.38
C TYR A 320 -6.41 3.72 27.02
N TYR A 321 -6.61 4.15 25.77
CA TYR A 321 -6.08 5.43 25.32
C TYR A 321 -7.14 6.23 24.59
N VAL A 322 -6.96 7.55 24.58
CA VAL A 322 -7.81 8.43 23.79
C VAL A 322 -7.05 9.72 23.49
N ASN A 323 -7.41 10.37 22.38
CA ASN A 323 -6.77 11.62 21.95
C ASN A 323 -7.77 12.74 21.65
N LEU A 324 -7.41 13.95 22.03
CA LEU A 324 -8.16 15.13 21.63
C LEU A 324 -7.20 16.16 21.07
N LEU A 325 -7.56 16.74 19.93
CA LEU A 325 -6.72 17.75 19.28
C LEU A 325 -6.82 19.09 20.02
N LEU A 326 -5.77 19.44 20.77
CA LEU A 326 -5.78 20.66 21.58
C LEU A 326 -6.13 21.95 20.82
N ILE A 327 -5.57 22.13 19.62
CA ILE A 327 -6.00 23.19 18.71
C ILE A 327 -6.85 22.57 17.60
N ASP A 328 -8.05 23.11 17.40
CA ASP A 328 -9.03 22.51 16.49
C ASP A 328 -8.91 23.05 15.05
N HIS A 329 -9.86 22.63 14.19
CA HIS A 329 -9.79 22.84 12.74
C HIS A 329 -10.11 24.26 12.28
N ARG A 330 -10.77 25.02 13.16
CA ARG A 330 -11.05 26.42 12.91
C ARG A 330 -9.95 27.31 13.48
N PHE A 331 -8.90 26.68 14.02
CA PHE A 331 -7.74 27.37 14.63
C PHE A 331 -8.05 27.90 16.02
N LEU A 332 -8.87 27.17 16.77
CA LEU A 332 -9.31 27.60 18.09
C LEU A 332 -8.91 26.59 19.16
N LEU A 333 -8.41 27.10 20.29
CA LEU A 333 -8.00 26.25 21.42
C LEU A 333 -9.21 25.52 21.97
N ARG A 334 -9.00 24.27 22.40
CA ARG A 334 -10.08 23.46 22.93
C ARG A 334 -10.62 24.04 24.23
N ARG A 335 -11.94 24.00 24.36
CA ARG A 335 -12.62 24.51 25.53
C ARG A 335 -13.86 23.69 25.81
N GLY A 336 -14.27 23.61 27.06
CA GLY A 336 -15.55 23.01 27.40
C GLY A 336 -15.44 21.67 28.08
N GLU A 337 -16.61 21.08 28.34
CA GLU A 337 -16.68 19.73 28.89
C GLU A 337 -16.62 18.70 27.77
N TYR A 338 -15.92 17.60 28.04
CA TYR A 338 -15.74 16.51 27.08
C TYR A 338 -15.84 15.16 27.76
N VAL A 339 -16.61 14.28 27.13
CA VAL A 339 -16.67 12.89 27.54
C VAL A 339 -16.27 12.02 26.36
N LEU A 340 -15.10 11.40 26.47
CA LEU A 340 -14.48 10.66 25.38
C LEU A 340 -14.42 9.17 25.65
N HIS A 341 -14.99 8.39 24.75
CA HIS A 341 -14.93 6.95 24.85
C HIS A 341 -13.63 6.45 24.24
N MET A 342 -12.85 5.78 25.08
CA MET A 342 -11.46 5.43 24.80
C MET A 342 -11.35 4.07 24.14
N TRP A 343 -10.19 3.82 23.54
CA TRP A 343 -9.91 2.55 22.87
C TRP A 343 -9.15 1.59 23.79
N GLN A 344 -9.42 0.31 23.64
CA GLN A 344 -8.75 -0.71 24.44
C GLN A 344 -7.48 -1.15 23.71
N ILE A 345 -6.42 -1.44 24.48
CA ILE A 345 -5.17 -1.94 23.92
C ILE A 345 -5.35 -3.31 23.23
N PHE A 355 5.32 1.03 17.33
CA PHE A 355 3.94 1.12 17.78
C PHE A 355 3.06 1.73 16.69
N ASN A 356 1.80 1.32 16.65
CA ASN A 356 0.99 1.51 15.44
C ASN A 356 0.11 2.76 15.32
N ALA A 357 -0.22 3.07 14.07
CA ALA A 357 -0.96 4.26 13.68
C ALA A 357 -2.27 4.48 14.43
N ASP A 358 -2.92 3.38 14.83
CA ASP A 358 -4.16 3.43 15.63
C ASP A 358 -4.04 4.21 16.95
N LYS A 359 -2.83 4.32 17.49
CA LYS A 359 -2.59 5.04 18.74
C LYS A 359 -2.62 6.55 18.54
N LEU A 360 -2.66 6.99 17.30
CA LEU A 360 -2.57 8.41 16.97
C LEU A 360 -3.91 9.04 16.63
N THR A 361 -4.95 8.22 16.54
CA THR A 361 -6.23 8.66 15.97
C THR A 361 -6.96 9.67 16.82
N SER A 362 -7.65 10.61 16.17
CA SER A 362 -8.50 11.56 16.89
C SER A 362 -9.93 11.01 17.04
N ALA A 363 -10.17 9.82 16.51
CA ALA A 363 -11.47 9.18 16.63
C ALA A 363 -11.71 8.69 18.06
N THR A 364 -12.97 8.60 18.44
CA THR A 364 -13.37 7.98 19.70
C THR A 364 -14.08 6.65 19.46
N ASN A 365 -13.97 5.74 20.43
CA ASN A 365 -14.60 4.42 20.35
C ASN A 365 -16.13 4.52 20.17
N PRO A 366 -16.66 4.07 19.01
CA PRO A 366 -18.11 4.18 18.74
C PRO A 366 -18.97 3.28 19.63
N ASP A 367 -18.37 2.23 20.18
CA ASP A 367 -19.05 1.31 21.09
C ASP A 367 -19.21 1.97 22.46
N LYS A 368 -20.38 2.56 22.70
CA LYS A 368 -20.62 3.25 23.98
C LYS A 368 -21.17 2.31 25.05
N GLU A 369 -21.86 1.26 24.60
CA GLU A 369 -22.44 0.26 25.50
C GLU A 369 -21.36 -0.32 26.41
N ASN A 370 -20.14 -0.45 25.89
CA ASN A 370 -19.12 -1.28 26.52
C ASN A 370 -17.84 -0.57 26.94
N SER A 371 -17.54 0.57 26.31
CA SER A 371 -16.20 1.16 26.42
C SER A 371 -15.97 1.99 27.66
N MET A 372 -14.71 2.01 28.11
CA MET A 372 -14.23 2.96 29.09
C MET A 372 -14.37 4.38 28.55
N SER A 373 -14.69 5.33 29.42
CA SER A 373 -14.76 6.73 29.02
C SER A 373 -14.02 7.58 30.01
N ILE A 374 -13.62 8.77 29.57
CA ILE A 374 -12.94 9.70 30.45
C ILE A 374 -13.64 11.05 30.40
N SER A 375 -13.94 11.59 31.57
CA SER A 375 -14.48 12.93 31.66
C SER A 375 -13.37 13.90 32.01
N ILE A 376 -13.25 14.93 31.18
CA ILE A 376 -12.25 15.96 31.33
C ILE A 376 -12.91 17.32 31.15
N LEU A 377 -12.31 18.36 31.72
CA LEU A 377 -12.78 19.72 31.49
C LEU A 377 -11.65 20.64 31.05
N LEU A 378 -11.88 21.35 29.96
CA LEU A 378 -10.99 22.40 29.47
C LEU A 378 -11.63 23.77 29.67
N ASP A 379 -10.83 24.74 30.10
CA ASP A 379 -11.32 26.12 30.25
C ASP A 379 -10.60 27.08 29.29
N GLU A 404 28.53 28.36 7.32
CA GLU A 404 29.87 28.73 7.74
C GLU A 404 30.27 28.05 9.05
N MET A 405 31.16 27.07 8.97
CA MET A 405 31.57 26.32 10.16
C MET A 405 32.96 25.67 10.05
N PRO A 406 33.49 25.18 11.19
CA PRO A 406 34.71 24.36 11.15
C PRO A 406 34.56 23.08 10.33
N ASN A 407 35.46 22.91 9.36
CA ASN A 407 35.72 21.62 8.71
C ASN A 407 35.06 20.44 9.40
N GLN A 408 35.35 20.29 10.69
CA GLN A 408 35.02 19.08 11.42
C GLN A 408 33.55 19.01 11.79
N LEU A 409 32.99 20.14 12.22
CA LEU A 409 31.56 20.25 12.48
C LEU A 409 30.79 20.09 11.18
N ARG A 410 31.36 20.59 10.08
CA ARG A 410 30.80 20.34 8.76
C ARG A 410 30.82 18.86 8.44
N LYS A 411 31.93 18.20 8.78
CA LYS A 411 32.06 16.77 8.55
C LYS A 411 31.13 15.95 9.45
N GLN A 412 30.94 16.39 10.69
CA GLN A 412 29.98 15.75 11.58
C GLN A 412 28.54 15.92 11.11
N LEU A 413 28.22 17.13 10.62
CA LEU A 413 26.90 17.45 10.08
C LEU A 413 26.55 16.58 8.88
N GLU A 414 27.49 16.48 7.93
CA GLU A 414 27.32 15.68 6.72
C GLU A 414 27.14 14.20 7.02
N ALA A 415 27.85 13.73 8.05
CA ALA A 415 27.70 12.35 8.55
C ALA A 415 26.34 12.12 9.22
N ILE A 416 25.72 13.19 9.71
CA ILE A 416 24.39 13.13 10.29
C ILE A 416 23.36 13.00 9.17
N ILE A 417 23.52 13.83 8.15
CA ILE A 417 22.59 13.88 7.02
C ILE A 417 22.64 12.58 6.21
N ALA A 418 23.79 11.92 6.22
CA ALA A 418 23.99 10.70 5.45
C ALA A 418 23.35 9.46 6.09
N THR A 419 23.21 9.45 7.41
CA THR A 419 22.65 8.31 8.14
C THR A 419 21.25 7.95 7.65
N ASP A 420 20.93 6.66 7.69
CA ASP A 420 19.63 6.14 7.26
C ASP A 420 18.49 6.75 8.06
N PRO A 421 17.25 6.70 7.53
CA PRO A 421 16.17 7.41 8.22
C PRO A 421 15.86 6.89 9.62
N LEU A 422 16.25 5.66 9.92
CA LEU A 422 15.97 5.04 11.23
C LEU A 422 17.11 5.10 12.25
N ASN A 423 18.10 5.94 11.97
CA ASN A 423 19.23 6.11 12.88
C ASN A 423 18.93 7.28 13.82
N PRO A 424 18.91 7.01 15.14
CA PRO A 424 18.47 8.02 16.10
C PRO A 424 19.41 9.22 16.14
N LEU A 425 18.85 10.39 16.37
CA LEU A 425 19.63 11.60 16.56
C LEU A 425 19.86 11.75 18.05
N THR A 426 21.12 11.86 18.45
CA THR A 426 21.42 12.20 19.83
C THR A 426 21.10 13.70 20.02
N ALA A 427 21.04 14.15 21.27
CA ALA A 427 20.76 15.56 21.55
C ALA A 427 21.84 16.49 20.97
N GLU A 428 23.09 16.04 20.97
CA GLU A 428 24.21 16.74 20.32
C GLU A 428 23.95 16.94 18.82
N ASP A 429 23.38 15.92 18.17
CA ASP A 429 23.01 15.97 16.75
C ASP A 429 22.00 17.08 16.45
N LYS A 430 20.92 17.12 17.24
CA LYS A 430 19.81 18.04 17.04
C LYS A 430 20.22 19.51 17.22
N GLU A 431 21.00 19.79 18.26
CA GLU A 431 21.44 21.15 18.53
C GLU A 431 22.32 21.65 17.41
N LEU A 432 23.13 20.75 16.85
CA LEU A 432 23.96 21.02 15.69
C LEU A 432 23.09 21.33 14.46
N LEU A 433 22.19 20.39 14.12
CA LEU A 433 21.31 20.54 12.97
C LEU A 433 20.49 21.83 13.00
N TRP A 434 19.99 22.17 14.18
CA TRP A 434 19.20 23.38 14.34
C TRP A 434 20.07 24.62 14.21
N HIS A 435 21.30 24.54 14.71
CA HIS A 435 22.18 25.71 14.66
C HIS A 435 22.55 26.05 13.22
N PHE A 436 22.92 25.03 12.45
CA PHE A 436 23.27 25.23 11.05
C PHE A 436 22.08 24.91 10.15
N ARG A 437 20.91 25.06 10.76
CA ARG A 437 19.63 25.30 10.12
C ARG A 437 19.70 25.69 8.62
N TYR A 438 20.19 26.90 8.34
CA TYR A 438 20.21 27.45 6.97
C TYR A 438 21.21 26.77 6.03
N GLU A 439 22.29 26.25 6.60
CA GLU A 439 23.26 25.47 5.84
C GLU A 439 22.75 24.05 5.62
N SER A 440 21.94 23.58 6.57
CA SER A 440 21.30 22.26 6.50
C SER A 440 20.22 22.25 5.43
N LEU A 441 19.68 23.44 5.14
CA LEU A 441 18.59 23.59 4.18
C LEU A 441 18.98 23.29 2.71
N LYS A 442 20.26 23.47 2.38
CA LYS A 442 20.73 23.21 1.02
C LYS A 442 20.83 21.71 0.70
N HIS A 443 20.58 20.86 1.69
CA HIS A 443 20.52 19.41 1.50
C HIS A 443 19.11 18.88 1.73
N PRO A 444 18.45 18.35 0.68
CA PRO A 444 17.14 17.76 0.91
C PRO A 444 17.20 16.56 1.84
N LYS A 445 18.16 15.66 1.64
CA LYS A 445 18.34 14.48 2.49
C LYS A 445 18.36 14.82 3.98
N ALA A 446 18.52 16.11 4.28
CA ALA A 446 18.62 16.60 5.65
C ALA A 446 17.27 16.89 6.28
N TYR A 447 16.26 17.11 5.44
CA TYR A 447 14.94 17.61 5.85
C TYR A 447 14.23 16.81 6.94
N PRO A 448 14.11 15.47 6.76
CA PRO A 448 13.53 14.68 7.85
C PRO A 448 14.28 14.91 9.15
N LYS A 449 15.59 15.00 9.08
CA LYS A 449 16.42 15.19 10.28
C LYS A 449 16.30 16.61 10.83
N LEU A 450 16.37 17.62 9.96
CA LEU A 450 16.28 19.03 10.38
C LEU A 450 14.99 19.37 11.09
N PHE A 451 13.87 18.81 10.62
CA PHE A 451 12.57 19.07 11.25
C PHE A 451 12.27 18.15 12.44
N SER A 452 13.13 17.17 12.68
CA SER A 452 13.05 16.32 13.87
C SER A 452 13.89 16.89 15.01
N SER A 453 14.40 18.11 14.83
CA SER A 453 15.27 18.74 15.81
C SER A 453 14.65 20.03 16.33
N VAL A 454 13.51 20.38 15.73
CA VAL A 454 12.74 21.56 16.10
C VAL A 454 12.07 21.27 17.42
N LYS A 455 12.19 22.21 18.35
CA LYS A 455 11.42 22.14 19.58
C LYS A 455 10.05 22.76 19.29
N TRP A 456 9.10 21.89 18.95
CA TRP A 456 7.78 22.34 18.56
C TRP A 456 7.00 22.97 19.72
N GLY A 457 7.40 22.65 20.96
CA GLY A 457 6.77 23.24 22.15
C GLY A 457 7.26 24.63 22.52
N GLN A 458 7.94 25.31 21.61
CA GLN A 458 8.36 26.69 21.79
C GLN A 458 7.86 27.55 20.66
N GLN A 459 7.17 28.63 21.01
CA GLN A 459 6.52 29.51 20.04
C GLN A 459 7.56 30.21 19.17
N GLU A 460 8.57 30.80 19.82
CA GLU A 460 9.64 31.50 19.14
C GLU A 460 10.41 30.60 18.16
N ILE A 461 10.57 29.32 18.49
CA ILE A 461 11.23 28.38 17.60
C ILE A 461 10.39 28.04 16.35
N VAL A 462 9.13 27.63 16.57
CA VAL A 462 8.20 27.32 15.46
C VAL A 462 8.10 28.49 14.46
N ALA A 463 8.16 29.71 14.99
CA ALA A 463 8.24 30.92 14.19
C ALA A 463 9.47 30.93 13.28
N LYS A 464 10.63 30.62 13.88
CA LYS A 464 11.91 30.57 13.16
C LYS A 464 11.88 29.49 12.11
N THR A 465 11.30 28.34 12.49
CA THR A 465 11.07 27.22 11.61
C THR A 465 10.29 27.65 10.36
N TYR A 466 9.42 28.64 10.53
CA TYR A 466 8.57 29.10 9.44
C TYR A 466 9.23 30.14 8.53
N GLN A 467 10.06 31.03 9.11
CA GLN A 467 10.90 31.95 8.32
C GLN A 467 11.80 31.11 7.42
N LEU A 468 12.19 29.95 7.95
CA LEU A 468 13.03 29.01 7.24
C LEU A 468 12.25 28.31 6.13
N LEU A 469 11.01 27.92 6.42
CA LEU A 469 10.15 27.27 5.43
C LEU A 469 9.69 28.25 4.35
N ALA A 470 9.71 29.54 4.67
CA ALA A 470 9.41 30.58 3.69
C ALA A 470 10.45 30.63 2.57
N ARG A 471 11.68 30.22 2.88
CA ARG A 471 12.76 30.20 1.89
C ARG A 471 13.31 28.77 1.66
N ARG A 472 12.42 27.88 1.24
CA ARG A 472 12.77 26.46 1.00
C ARG A 472 13.05 26.21 -0.49
N GLU A 473 13.69 27.19 -1.11
CA GLU A 473 13.85 27.25 -2.57
C GLU A 473 14.63 26.08 -3.18
N VAL A 474 15.65 25.59 -2.47
CA VAL A 474 16.49 24.47 -2.92
C VAL A 474 15.69 23.16 -3.02
N TRP A 475 14.73 22.99 -2.10
CA TRP A 475 13.84 21.82 -2.05
C TRP A 475 12.82 21.82 -3.21
N ASP A 476 12.35 23.00 -3.59
CA ASP A 476 11.38 23.16 -4.69
C ASP A 476 11.99 22.74 -6.04
N GLN A 477 13.26 23.08 -6.23
CA GLN A 477 14.00 22.74 -7.45
C GLN A 477 14.61 21.34 -7.39
N SER A 478 14.77 20.82 -6.17
CA SER A 478 15.23 19.45 -5.95
C SER A 478 14.43 18.46 -6.81
N ALA A 479 15.14 17.60 -7.53
CA ALA A 479 14.49 16.52 -8.26
C ALA A 479 13.67 15.70 -7.27
N LEU A 480 12.43 15.43 -7.64
CA LEU A 480 11.47 14.74 -6.78
C LEU A 480 11.98 13.40 -6.25
N ASP A 481 12.21 13.35 -4.94
CA ASP A 481 12.65 12.14 -4.25
C ASP A 481 11.49 11.60 -3.42
N VAL A 482 10.78 10.61 -3.97
CA VAL A 482 9.59 10.04 -3.35
C VAL A 482 9.88 9.51 -1.96
N GLY A 483 11.03 8.86 -1.79
CA GLY A 483 11.45 8.33 -0.51
C GLY A 483 11.58 9.41 0.54
N LEU A 484 12.32 10.46 0.19
CA LEU A 484 12.45 11.65 1.04
C LEU A 484 11.08 12.24 1.32
N THR A 485 10.30 12.41 0.26
CA THR A 485 8.94 12.95 0.34
C THR A 485 8.13 12.19 1.38
N MET A 486 8.09 10.87 1.26
CA MET A 486 7.34 9.98 2.16
C MET A 486 7.63 10.21 3.66
N GLN A 487 8.90 10.44 3.99
CA GLN A 487 9.28 10.68 5.38
C GLN A 487 8.53 11.84 6.01
N LEU A 488 8.45 12.95 5.29
CA LEU A 488 7.76 14.12 5.82
C LEU A 488 6.27 13.91 6.01
N LEU A 489 5.78 12.76 5.53
CA LEU A 489 4.37 12.38 5.69
C LEU A 489 4.16 11.29 6.74
N ASP A 490 5.24 10.85 7.39
CA ASP A 490 5.16 9.73 8.35
C ASP A 490 4.73 10.19 9.73
N CYS A 491 4.66 9.24 10.66
CA CYS A 491 4.23 9.47 12.04
C CYS A 491 4.96 10.57 12.82
N ASN A 492 6.09 11.04 12.30
CA ASN A 492 6.97 11.93 13.05
C ASN A 492 6.86 13.41 12.73
N PHE A 493 5.92 13.80 11.88
CA PHE A 493 5.75 15.22 11.54
C PHE A 493 4.28 15.65 11.56
N SER A 494 3.90 16.38 12.60
CA SER A 494 2.53 16.87 12.78
C SER A 494 2.31 18.24 12.17
N ASP A 495 3.39 18.98 11.98
CA ASP A 495 3.28 20.29 11.40
C ASP A 495 2.75 20.13 10.00
N GLU A 496 1.68 20.84 9.69
CA GLU A 496 1.05 20.70 8.38
C GLU A 496 1.82 21.43 7.28
N ASN A 497 2.57 22.46 7.66
CA ASN A 497 3.39 23.15 6.68
C ASN A 497 4.59 22.33 6.23
N VAL A 498 5.10 21.49 7.11
CA VAL A 498 6.16 20.57 6.78
C VAL A 498 5.57 19.56 5.82
N ARG A 499 4.47 18.95 6.27
CA ARG A 499 3.78 17.91 5.52
C ARG A 499 3.36 18.39 4.14
N ALA A 500 2.98 19.66 4.05
CA ALA A 500 2.62 20.29 2.78
C ALA A 500 3.77 20.31 1.77
N ILE A 501 5.01 20.43 2.24
CA ILE A 501 6.15 20.50 1.31
C ILE A 501 6.43 19.14 0.70
N ALA A 502 6.07 18.08 1.42
CA ALA A 502 6.09 16.75 0.85
C ALA A 502 5.00 16.63 -0.22
N VAL A 503 3.79 17.02 0.14
CA VAL A 503 2.66 16.95 -0.79
C VAL A 503 2.97 17.79 -2.02
N GLN A 504 3.68 18.90 -1.82
CA GLN A 504 4.10 19.77 -2.92
C GLN A 504 4.93 19.00 -3.95
N LYS A 505 5.87 18.18 -3.47
CA LYS A 505 6.68 17.35 -4.37
C LYS A 505 5.86 16.28 -5.09
N LEU A 506 4.85 15.75 -4.41
CA LEU A 506 3.98 14.75 -4.98
C LEU A 506 3.15 15.31 -6.13
N GLU A 507 2.98 16.63 -6.18
CA GLU A 507 2.21 17.29 -7.24
C GLU A 507 2.78 17.03 -8.64
N SER A 508 4.10 16.80 -8.71
CA SER A 508 4.77 16.60 -9.99
C SER A 508 4.78 15.15 -10.47
N LEU A 509 4.58 14.20 -9.56
CA LEU A 509 4.43 12.79 -9.92
C LEU A 509 3.41 12.62 -11.03
N GLU A 510 3.64 11.67 -11.92
CA GLU A 510 2.67 11.30 -12.96
C GLU A 510 1.79 10.14 -12.46
N ASP A 511 0.71 9.84 -13.18
CA ASP A 511 -0.23 8.78 -12.79
C ASP A 511 0.47 7.46 -12.51
N ASP A 512 1.26 6.97 -13.46
CA ASP A 512 1.99 5.72 -13.27
C ASP A 512 2.69 5.72 -11.92
N ASP A 513 3.39 6.81 -11.63
CA ASP A 513 4.07 7.02 -10.36
C ASP A 513 3.09 7.04 -9.18
N VAL A 514 1.98 7.77 -9.31
CA VAL A 514 0.98 7.86 -8.24
C VAL A 514 0.37 6.50 -7.97
N LEU A 515 0.25 5.68 -9.01
CA LEU A 515 -0.27 4.32 -8.85
C LEU A 515 0.69 3.40 -8.12
N HIS A 516 1.98 3.66 -8.24
CA HIS A 516 2.95 2.88 -7.49
C HIS A 516 2.87 3.17 -5.99
N TYR A 517 2.64 4.44 -5.66
CA TYR A 517 2.65 4.86 -4.27
C TYR A 517 1.28 4.91 -3.57
N LEU A 518 0.20 4.85 -4.33
CA LEU A 518 -1.14 5.17 -3.82
C LEU A 518 -1.50 4.49 -2.51
N LEU A 519 -1.42 3.17 -2.49
CA LEU A 519 -1.78 2.40 -1.30
C LEU A 519 -1.11 2.95 -0.06
N GLN A 520 0.14 3.39 -0.19
CA GLN A 520 0.88 3.90 0.95
C GLN A 520 0.74 5.40 1.16
N LEU A 521 0.45 6.13 0.10
CA LEU A 521 -0.03 7.52 0.23
C LEU A 521 -1.39 7.59 0.95
N VAL A 522 -2.27 6.62 0.66
CA VAL A 522 -3.54 6.50 1.33
C VAL A 522 -3.26 6.22 2.81
N GLN A 523 -2.54 5.14 3.09
CA GLN A 523 -2.22 4.76 4.46
C GLN A 523 -1.61 5.93 5.26
N ALA A 524 -0.87 6.80 4.59
CA ALA A 524 -0.26 7.96 5.25
C ALA A 524 -1.30 9.00 5.75
N VAL A 525 -2.54 8.89 5.29
CA VAL A 525 -3.62 9.75 5.77
C VAL A 525 -3.87 9.49 7.26
N LYS A 526 -3.60 8.25 7.70
CA LYS A 526 -3.61 7.93 9.11
C LYS A 526 -2.69 8.82 9.96
N PHE A 527 -1.67 9.42 9.35
CA PHE A 527 -0.68 10.18 10.12
C PHE A 527 -0.97 11.66 10.14
N GLU A 528 -1.96 12.08 9.36
CA GLU A 528 -2.36 13.48 9.33
C GLU A 528 -3.10 13.85 10.63
N PRO A 529 -2.72 14.99 11.26
CA PRO A 529 -3.36 15.36 12.51
C PRO A 529 -4.84 15.69 12.33
N TYR A 530 -5.16 16.35 11.21
CA TYR A 530 -6.53 16.83 10.92
C TYR A 530 -7.14 16.07 9.74
N HIS A 531 -8.47 16.05 9.67
CA HIS A 531 -9.19 15.30 8.63
C HIS A 531 -9.06 15.93 7.25
N ASP A 532 -8.80 17.23 7.22
CA ASP A 532 -8.70 17.94 5.96
C ASP A 532 -7.27 18.44 5.79
N SER A 533 -6.54 17.84 4.86
CA SER A 533 -5.12 18.15 4.68
C SER A 533 -4.76 18.18 3.20
N ALA A 534 -3.55 18.65 2.90
CA ALA A 534 -3.01 18.60 1.55
C ALA A 534 -3.06 17.17 0.98
N LEU A 535 -2.63 16.21 1.78
CA LEU A 535 -2.58 14.82 1.37
C LEU A 535 -3.95 14.28 0.98
N ALA A 536 -4.94 14.47 1.85
CA ALA A 536 -6.29 14.02 1.55
C ALA A 536 -6.83 14.73 0.29
N ARG A 537 -6.53 16.02 0.17
CA ARG A 537 -6.88 16.76 -1.02
C ARG A 537 -6.12 16.27 -2.25
N PHE A 538 -4.86 15.89 -2.08
CA PHE A 538 -4.04 15.36 -3.17
C PHE A 538 -4.60 14.04 -3.73
N LEU A 539 -4.88 13.10 -2.83
CA LEU A 539 -5.45 11.85 -3.24
C LEU A 539 -6.80 12.08 -3.92
N LEU A 540 -7.56 13.03 -3.40
CA LEU A 540 -8.82 13.42 -4.01
C LEU A 540 -8.62 13.95 -5.43
N LYS A 541 -7.71 14.89 -5.60
CA LYS A 541 -7.46 15.46 -6.92
C LYS A 541 -7.09 14.38 -7.93
N ARG A 542 -6.08 13.57 -7.59
CA ARG A 542 -5.54 12.60 -8.54
C ARG A 542 -6.52 11.47 -8.85
N GLY A 543 -7.36 11.13 -7.87
CA GLY A 543 -8.42 10.15 -8.09
C GLY A 543 -9.48 10.70 -9.03
N LEU A 544 -9.86 11.96 -8.83
CA LEU A 544 -10.83 12.66 -9.67
C LEU A 544 -10.32 12.95 -11.08
N ARG A 545 -9.00 12.88 -11.26
CA ARG A 545 -8.37 13.25 -12.52
C ARG A 545 -8.07 12.05 -13.39
N ASN A 546 -8.24 10.84 -12.86
CA ASN A 546 -7.87 9.63 -13.56
C ASN A 546 -8.65 8.41 -13.06
N LYS A 547 -9.43 7.81 -13.95
CA LYS A 547 -10.37 6.77 -13.53
C LYS A 547 -9.70 5.61 -12.84
N ARG A 548 -8.52 5.22 -13.31
CA ARG A 548 -7.82 4.07 -12.74
C ARG A 548 -7.33 4.34 -11.32
N ILE A 549 -6.58 5.43 -11.15
CA ILE A 549 -6.23 5.90 -9.82
C ILE A 549 -7.51 5.97 -9.01
N GLY A 550 -8.49 6.71 -9.53
CA GLY A 550 -9.81 6.81 -8.93
C GLY A 550 -10.44 5.48 -8.54
N HIS A 551 -10.27 4.47 -9.39
CA HIS A 551 -10.75 3.12 -9.09
C HIS A 551 -10.04 2.54 -7.85
N PHE A 552 -8.71 2.53 -7.86
CA PHE A 552 -7.97 1.96 -6.72
C PHE A 552 -8.17 2.76 -5.43
N LEU A 553 -8.11 4.09 -5.55
CA LEU A 553 -8.38 4.95 -4.41
C LEU A 553 -9.63 4.45 -3.70
N PHE A 554 -10.70 4.26 -4.48
CA PHE A 554 -11.97 3.78 -3.97
C PHE A 554 -11.78 2.59 -3.06
N TRP A 555 -11.27 1.50 -3.63
CA TRP A 555 -11.14 0.21 -2.92
C TRP A 555 -10.18 0.23 -1.74
N PHE A 556 -9.16 1.09 -1.83
CA PHE A 556 -8.26 1.30 -0.71
C PHE A 556 -9.03 1.96 0.43
N LEU A 557 -9.58 3.15 0.19
CA LEU A 557 -10.39 3.79 1.21
C LEU A 557 -11.44 2.81 1.74
N ARG A 558 -12.21 2.20 0.84
CA ARG A 558 -13.31 1.33 1.25
C ARG A 558 -12.84 0.21 2.18
N SER A 559 -11.71 -0.42 1.84
CA SER A 559 -11.12 -1.44 2.66
C SER A 559 -10.80 -0.96 4.08
N GLU A 560 -10.35 0.28 4.22
CA GLU A 560 -10.00 0.82 5.54
C GLU A 560 -11.26 1.19 6.35
N ILE A 561 -12.26 1.72 5.63
CA ILE A 561 -13.55 2.11 6.20
C ILE A 561 -14.26 0.89 6.75
N ALA A 562 -14.09 -0.23 6.05
CA ALA A 562 -14.79 -1.45 6.37
C ALA A 562 -14.20 -2.19 7.58
N GLN A 563 -13.01 -1.81 8.03
CA GLN A 563 -12.35 -2.60 9.07
C GLN A 563 -11.58 -1.84 10.17
N SER A 564 -11.35 -0.55 9.99
CA SER A 564 -10.76 0.23 11.07
C SER A 564 -11.77 1.20 11.67
N ARG A 565 -12.23 0.88 12.88
CA ARG A 565 -13.00 1.79 13.69
C ARG A 565 -12.20 3.06 13.96
N HIS A 566 -10.88 2.92 14.01
CA HIS A 566 -9.96 4.03 14.28
C HIS A 566 -9.91 5.09 13.18
N TYR A 567 -10.19 4.71 11.94
CA TYR A 567 -10.01 5.65 10.84
C TYR A 567 -11.14 5.73 9.80
N GLN A 568 -12.20 4.95 10.00
CA GLN A 568 -13.29 4.93 9.04
C GLN A 568 -13.97 6.28 8.86
N GLN A 569 -14.23 6.99 9.95
CA GLN A 569 -14.83 8.31 9.87
C GLN A 569 -14.06 9.23 8.91
N ARG A 570 -12.76 9.32 9.08
CA ARG A 570 -11.95 10.13 8.18
C ARG A 570 -11.96 9.56 6.77
N PHE A 571 -11.73 8.25 6.63
CA PHE A 571 -11.65 7.67 5.31
C PHE A 571 -12.97 7.72 4.55
N ALA A 572 -14.08 7.53 5.27
CA ALA A 572 -15.43 7.64 4.71
C ALA A 572 -15.72 9.03 4.16
N VAL A 573 -15.31 10.06 4.88
CA VAL A 573 -15.48 11.42 4.41
C VAL A 573 -14.73 11.65 3.10
N ILE A 574 -13.48 11.20 3.03
CA ILE A 574 -12.69 11.35 1.81
C ILE A 574 -13.33 10.60 0.65
N LEU A 575 -13.83 9.40 0.92
CA LEU A 575 -14.44 8.60 -0.13
C LEU A 575 -15.74 9.21 -0.69
N GLU A 576 -16.55 9.82 0.18
CA GLU A 576 -17.74 10.57 -0.26
C GLU A 576 -17.27 11.64 -1.23
N ALA A 577 -16.33 12.46 -0.76
CA ALA A 577 -15.75 13.54 -1.54
C ALA A 577 -15.28 13.09 -2.92
N TYR A 578 -14.78 11.86 -3.04
CA TYR A 578 -14.41 11.32 -4.35
C TYR A 578 -15.63 10.85 -5.17
N LEU A 579 -16.57 10.18 -4.51
CA LEU A 579 -17.68 9.54 -5.23
C LEU A 579 -18.66 10.57 -5.79
N ARG A 580 -18.68 11.76 -5.17
CA ARG A 580 -19.53 12.85 -5.62
C ARG A 580 -18.89 13.65 -6.76
N GLY A 581 -17.91 13.06 -7.44
CA GLY A 581 -17.18 13.75 -8.51
C GLY A 581 -16.64 12.85 -9.61
N CYS A 582 -16.72 11.54 -9.42
CA CYS A 582 -16.24 10.58 -10.42
C CYS A 582 -17.26 10.37 -11.57
N GLY A 583 -18.48 10.88 -11.39
CA GLY A 583 -19.50 10.83 -12.43
C GLY A 583 -20.28 9.53 -12.48
N THR A 584 -21.48 9.62 -13.06
CA THR A 584 -22.49 8.55 -13.06
C THR A 584 -22.00 7.20 -13.58
N ALA A 585 -21.13 7.20 -14.59
CA ALA A 585 -20.59 5.94 -15.12
C ALA A 585 -19.85 5.21 -14.01
N MET A 586 -18.77 5.82 -13.54
CA MET A 586 -17.97 5.31 -12.43
C MET A 586 -18.83 4.91 -11.25
N LEU A 587 -19.81 5.75 -10.93
CA LEU A 587 -20.80 5.48 -9.89
C LEU A 587 -21.51 4.15 -10.06
N HIS A 588 -21.84 3.82 -11.31
CA HIS A 588 -22.59 2.61 -11.59
C HIS A 588 -21.65 1.42 -11.66
N ASP A 589 -20.43 1.68 -12.12
CA ASP A 589 -19.34 0.72 -12.06
C ASP A 589 -19.14 0.23 -10.62
N PHE A 590 -18.88 1.18 -9.70
CA PHE A 590 -18.71 0.85 -8.29
C PHE A 590 -19.90 0.10 -7.69
N THR A 591 -21.10 0.45 -8.16
CA THR A 591 -22.31 -0.19 -7.67
C THR A 591 -22.30 -1.69 -7.91
N GLN A 592 -21.98 -2.09 -9.14
CA GLN A 592 -21.96 -3.51 -9.52
C GLN A 592 -20.95 -4.30 -8.69
N GLN A 593 -19.76 -3.72 -8.51
CA GLN A 593 -18.65 -4.39 -7.84
C GLN A 593 -19.01 -4.67 -6.38
N VAL A 594 -19.58 -3.67 -5.70
CA VAL A 594 -19.95 -3.81 -4.30
C VAL A 594 -21.04 -4.86 -4.18
N GLN A 595 -22.09 -4.71 -4.99
CA GLN A 595 -23.18 -5.67 -5.01
C GLN A 595 -22.62 -7.09 -5.14
N VAL A 596 -21.72 -7.27 -6.10
CA VAL A 596 -21.12 -8.57 -6.38
C VAL A 596 -20.26 -9.07 -5.22
N ILE A 597 -19.36 -8.23 -4.72
CA ILE A 597 -18.44 -8.69 -3.67
C ILE A 597 -19.13 -8.97 -2.32
N GLU A 598 -20.22 -8.26 -2.03
CA GLU A 598 -21.00 -8.55 -0.82
C GLU A 598 -21.79 -9.86 -1.00
N MET A 599 -22.40 -10.02 -2.17
CA MET A 599 -23.08 -11.26 -2.54
C MET A 599 -22.17 -12.47 -2.32
N LEU A 600 -20.95 -12.39 -2.86
CA LEU A 600 -20.00 -13.50 -2.80
C LEU A 600 -19.32 -13.66 -1.44
N GLN A 601 -19.13 -12.55 -0.73
CA GLN A 601 -18.61 -12.59 0.64
C GLN A 601 -19.54 -13.37 1.56
N LYS A 602 -20.84 -13.13 1.43
CA LYS A 602 -21.85 -13.84 2.20
C LYS A 602 -21.65 -15.34 2.07
N VAL A 603 -21.54 -15.80 0.82
CA VAL A 603 -21.30 -17.19 0.51
C VAL A 603 -19.99 -17.70 1.10
N THR A 604 -18.94 -16.88 1.05
CA THR A 604 -17.59 -17.25 1.53
C THR A 604 -17.56 -17.68 3.00
N LEU A 605 -18.20 -16.89 3.85
CA LEU A 605 -18.28 -17.17 5.29
C LEU A 605 -19.11 -18.42 5.57
N ASP A 606 -20.33 -18.48 5.03
CA ASP A 606 -21.23 -19.62 5.21
C ASP A 606 -20.54 -20.99 5.02
N ILE A 607 -19.70 -21.08 3.99
CA ILE A 607 -18.98 -22.31 3.69
C ILE A 607 -17.92 -22.62 4.77
N LYS A 608 -17.26 -21.59 5.28
CA LYS A 608 -16.25 -21.81 6.33
C LYS A 608 -16.91 -22.35 7.59
N SER A 609 -18.18 -21.98 7.78
CA SER A 609 -18.99 -22.48 8.88
C SER A 609 -19.32 -23.97 8.73
N LEU A 610 -19.36 -24.46 7.49
CA LEU A 610 -19.78 -25.84 7.21
C LEU A 610 -18.61 -26.79 6.89
N SER A 611 -17.64 -26.86 7.81
CA SER A 611 -16.47 -27.72 7.65
C SER A 611 -15.91 -28.18 8.99
N ASP A 616 -10.84 -31.67 6.38
CA ASP A 616 -10.73 -31.39 4.95
C ASP A 616 -12.08 -31.31 4.25
N VAL A 617 -12.04 -31.13 2.93
CA VAL A 617 -13.24 -30.90 2.10
C VAL A 617 -14.28 -32.02 2.24
N SER A 618 -15.52 -31.62 2.53
CA SER A 618 -16.64 -32.56 2.65
C SER A 618 -17.28 -32.87 1.30
N SER A 619 -18.45 -33.50 1.36
CA SER A 619 -19.13 -33.98 0.16
C SER A 619 -20.24 -33.02 -0.26
N GLN A 620 -21.16 -32.76 0.67
CA GLN A 620 -22.26 -31.81 0.45
C GLN A 620 -21.73 -30.41 0.14
N VAL A 621 -20.58 -30.08 0.71
CA VAL A 621 -20.00 -28.74 0.60
C VAL A 621 -19.96 -28.20 -0.84
N ILE A 622 -19.54 -29.03 -1.79
CA ILE A 622 -19.42 -28.59 -3.19
C ILE A 622 -20.79 -28.44 -3.84
N SER A 623 -21.75 -29.26 -3.39
CA SER A 623 -23.11 -29.18 -3.89
C SER A 623 -23.85 -28.02 -3.23
N GLN A 624 -23.60 -27.84 -1.93
CA GLN A 624 -24.12 -26.70 -1.17
C GLN A 624 -23.66 -25.39 -1.80
N LEU A 625 -22.37 -25.34 -2.17
CA LEU A 625 -21.78 -24.21 -2.89
C LEU A 625 -22.46 -24.01 -4.24
N LYS A 626 -22.53 -25.09 -5.03
CA LYS A 626 -23.18 -25.07 -6.34
C LYS A 626 -24.56 -24.42 -6.24
N GLN A 627 -25.36 -24.88 -5.27
CA GLN A 627 -26.72 -24.40 -5.06
C GLN A 627 -26.79 -22.92 -4.67
N LYS A 628 -25.83 -22.46 -3.87
CA LYS A 628 -25.77 -21.05 -3.46
C LYS A 628 -25.46 -20.13 -4.64
N LEU A 629 -24.61 -20.61 -5.54
CA LEU A 629 -24.19 -19.83 -6.70
C LEU A 629 -25.28 -19.76 -7.76
N GLU A 630 -26.30 -20.60 -7.62
CA GLU A 630 -27.49 -20.51 -8.47
C GLU A 630 -28.32 -19.30 -8.04
N ASN A 631 -28.49 -19.14 -6.73
CA ASN A 631 -29.29 -18.06 -6.14
C ASN A 631 -28.86 -16.67 -6.58
N LEU A 632 -27.55 -16.47 -6.77
CA LEU A 632 -27.01 -15.15 -7.03
C LEU A 632 -26.55 -14.96 -8.50
N GLN A 633 -27.42 -15.41 -9.41
CA GLN A 633 -27.30 -15.10 -10.82
C GLN A 633 -28.69 -15.17 -11.45
N ASN A 634 -29.45 -14.09 -11.29
CA ASN A 634 -30.82 -14.02 -11.76
C ASN A 634 -31.16 -12.63 -12.29
N PRO A 638 -26.54 -8.78 -10.69
CA PRO A 638 -25.68 -8.03 -11.59
C PRO A 638 -25.01 -8.96 -12.56
N GLU A 639 -25.04 -8.61 -13.85
CA GLU A 639 -24.61 -9.50 -14.92
C GLU A 639 -23.19 -9.22 -15.46
N SER A 640 -22.65 -8.05 -15.14
CA SER A 640 -21.31 -7.69 -15.54
C SER A 640 -20.67 -6.81 -14.48
N PHE A 641 -19.39 -7.04 -14.18
CA PHE A 641 -18.67 -6.22 -13.22
C PHE A 641 -17.17 -6.17 -13.48
N ARG A 642 -16.58 -5.01 -13.24
CA ARG A 642 -15.13 -4.86 -13.28
C ARG A 642 -14.47 -5.66 -12.18
N VAL A 643 -13.34 -6.28 -12.51
CA VAL A 643 -12.54 -6.97 -11.52
C VAL A 643 -11.78 -5.91 -10.73
N PRO A 644 -12.08 -5.78 -9.43
CA PRO A 644 -11.52 -4.73 -8.58
C PRO A 644 -10.00 -4.61 -8.63
N TYR A 645 -9.30 -5.71 -8.89
CA TYR A 645 -7.83 -5.67 -8.97
C TYR A 645 -7.27 -5.45 -10.37
N ASP A 646 -8.16 -5.38 -11.36
CA ASP A 646 -7.79 -5.09 -12.74
C ASP A 646 -8.98 -4.44 -13.47
N PRO A 647 -9.14 -3.11 -13.32
CA PRO A 647 -10.33 -2.40 -13.78
C PRO A 647 -10.53 -2.47 -15.30
N GLY A 648 -9.51 -2.96 -16.01
CA GLY A 648 -9.60 -3.12 -17.47
C GLY A 648 -10.42 -4.34 -17.88
N LEU A 649 -10.49 -5.31 -16.97
CA LEU A 649 -11.16 -6.58 -17.22
C LEU A 649 -12.60 -6.65 -16.75
N LYS A 650 -13.51 -6.88 -17.71
CA LYS A 650 -14.93 -7.10 -17.44
C LYS A 650 -15.20 -8.57 -17.12
N ALA A 651 -15.81 -8.83 -15.98
CA ALA A 651 -16.22 -10.19 -15.63
C ALA A 651 -17.70 -10.37 -15.90
N GLY A 652 -18.01 -11.26 -16.84
CA GLY A 652 -19.39 -11.55 -17.21
C GLY A 652 -20.06 -12.49 -16.23
N ALA A 653 -20.77 -13.47 -16.76
CA ALA A 653 -21.45 -14.46 -15.94
C ALA A 653 -20.43 -15.38 -15.27
N LEU A 654 -20.84 -15.99 -14.17
CA LEU A 654 -20.06 -17.03 -13.53
C LEU A 654 -19.91 -18.26 -14.43
N ALA A 655 -18.94 -19.11 -14.09
CA ALA A 655 -18.82 -20.44 -14.68
C ALA A 655 -19.05 -21.44 -13.54
N ILE A 656 -20.33 -21.66 -13.24
CA ILE A 656 -20.75 -22.38 -12.03
C ILE A 656 -20.21 -23.81 -11.90
N GLU A 657 -19.97 -24.48 -13.02
CA GLU A 657 -19.43 -25.84 -12.99
C GLU A 657 -17.92 -25.87 -12.68
N LYS A 658 -17.27 -24.71 -12.84
CA LYS A 658 -15.82 -24.60 -12.63
C LYS A 658 -15.42 -24.22 -11.21
N CYS A 659 -16.40 -23.84 -10.39
CA CYS A 659 -16.14 -23.32 -9.04
C CYS A 659 -15.97 -24.41 -8.00
N LYS A 660 -14.94 -24.27 -7.16
CA LYS A 660 -14.62 -25.26 -6.15
C LYS A 660 -14.45 -24.64 -4.75
N VAL A 661 -14.02 -25.45 -3.80
CA VAL A 661 -13.66 -25.00 -2.46
C VAL A 661 -12.33 -25.64 -2.10
N MET A 662 -11.32 -24.82 -1.84
CA MET A 662 -9.94 -25.28 -1.70
C MET A 662 -9.69 -26.04 -0.40
N ALA A 663 -8.70 -26.93 -0.42
CA ALA A 663 -8.43 -27.86 0.68
C ALA A 663 -7.52 -27.29 1.80
N SER A 664 -7.28 -25.99 1.76
CA SER A 664 -6.49 -25.30 2.78
C SER A 664 -7.31 -25.08 4.06
N LYS A 665 -6.62 -24.79 5.17
CA LYS A 665 -7.24 -24.66 6.50
C LYS A 665 -8.44 -23.71 6.52
N LYS A 666 -8.22 -22.48 6.04
CA LYS A 666 -9.32 -21.57 5.71
C LYS A 666 -9.86 -22.09 4.40
N LYS A 667 -11.17 -22.26 4.31
CA LYS A 667 -11.78 -22.90 3.14
C LYS A 667 -12.24 -21.86 2.11
N PRO A 668 -11.33 -21.44 1.22
CA PRO A 668 -11.62 -20.35 0.31
C PRO A 668 -12.31 -20.82 -0.96
N LEU A 669 -13.12 -19.96 -1.55
CA LEU A 669 -13.83 -20.30 -2.77
C LEU A 669 -12.98 -20.03 -3.99
N TRP A 670 -12.72 -21.09 -4.76
CA TRP A 670 -12.17 -20.97 -6.10
C TRP A 670 -13.34 -20.64 -7.01
N LEU A 671 -13.36 -19.43 -7.56
CA LEU A 671 -14.42 -19.05 -8.48
C LEU A 671 -13.86 -18.52 -9.79
N GLU A 672 -14.50 -18.88 -10.89
CA GLU A 672 -14.19 -18.23 -12.18
C GLU A 672 -15.41 -17.80 -12.99
N PHE A 673 -15.19 -16.76 -13.79
CA PHE A 673 -16.23 -16.10 -14.55
C PHE A 673 -15.78 -16.03 -16.00
N LYS A 674 -16.73 -16.13 -16.93
CA LYS A 674 -16.46 -15.82 -18.33
C LYS A 674 -16.28 -14.30 -18.49
N CYS A 675 -15.40 -13.89 -19.40
CA CYS A 675 -15.19 -12.47 -19.65
C CYS A 675 -16.43 -11.88 -20.31
N ALA A 676 -16.81 -10.68 -19.88
CA ALA A 676 -18.02 -10.02 -20.39
C ALA A 676 -17.84 -9.52 -21.83
N ASP A 677 -16.59 -9.24 -22.20
CA ASP A 677 -16.29 -8.67 -23.51
C ASP A 677 -16.30 -9.72 -24.61
N PRO A 678 -17.14 -9.52 -25.64
CA PRO A 678 -17.09 -10.43 -26.79
C PRO A 678 -15.87 -10.18 -27.69
N THR A 679 -15.30 -8.98 -27.63
CA THR A 679 -14.16 -8.61 -28.48
C THR A 679 -12.83 -9.17 -27.99
N ALA A 680 -12.89 -10.14 -27.08
CA ALA A 680 -11.72 -10.83 -26.54
C ALA A 680 -11.16 -11.85 -27.51
N LEU A 681 -9.82 -11.97 -27.54
CA LEU A 681 -9.10 -12.89 -28.42
C LEU A 681 -9.30 -14.37 -28.06
N SER A 682 -9.46 -14.65 -26.76
CA SER A 682 -9.60 -16.02 -26.27
C SER A 682 -10.77 -16.17 -25.29
N ASN A 683 -10.84 -17.32 -24.62
CA ASN A 683 -11.89 -17.59 -23.65
C ASN A 683 -11.34 -17.98 -22.27
N GLU A 684 -10.07 -17.64 -22.04
CA GLU A 684 -9.44 -17.85 -20.74
C GLU A 684 -10.21 -17.06 -19.68
N THR A 685 -11.06 -17.79 -18.95
CA THR A 685 -11.97 -17.20 -17.96
C THR A 685 -11.25 -16.71 -16.71
N ILE A 686 -11.74 -15.59 -16.18
CA ILE A 686 -11.14 -14.92 -15.03
C ILE A 686 -11.36 -15.69 -13.73
N GLY A 687 -10.27 -16.06 -13.07
CA GLY A 687 -10.33 -16.77 -11.81
C GLY A 687 -10.09 -15.83 -10.64
N ILE A 688 -10.99 -15.88 -9.66
CA ILE A 688 -10.85 -15.11 -8.43
C ILE A 688 -11.08 -16.00 -7.22
N ILE A 689 -10.16 -15.93 -6.26
CA ILE A 689 -10.32 -16.58 -4.97
C ILE A 689 -10.91 -15.59 -3.95
N PHE A 690 -11.88 -16.07 -3.18
CA PHE A 690 -12.46 -15.33 -2.07
C PHE A 690 -12.07 -16.00 -0.75
N LYS A 691 -11.45 -15.24 0.16
CA LYS A 691 -10.92 -15.84 1.37
C LYS A 691 -11.24 -15.07 2.65
N HIS A 692 -11.61 -15.81 3.69
CA HIS A 692 -11.72 -15.26 5.04
C HIS A 692 -10.77 -16.01 5.97
N GLY A 693 -10.11 -15.27 6.85
CA GLY A 693 -9.23 -15.89 7.85
C GLY A 693 -7.82 -15.35 7.91
N ASP A 694 -7.43 -14.53 6.93
CA ASP A 694 -6.11 -13.90 6.89
C ASP A 694 -6.20 -12.41 6.62
N ASP A 695 -5.19 -11.66 7.04
CA ASP A 695 -5.19 -10.21 6.82
C ASP A 695 -4.64 -9.87 5.43
N LEU A 696 -5.55 -9.66 4.48
CA LEU A 696 -5.15 -9.37 3.10
C LEU A 696 -4.62 -7.95 2.91
N ARG A 697 -4.91 -7.09 3.87
CA ARG A 697 -4.31 -5.77 3.93
C ARG A 697 -2.80 -5.90 3.94
N GLN A 698 -2.30 -6.90 4.64
CA GLN A 698 -0.86 -7.15 4.73
C GLN A 698 -0.34 -7.65 3.38
N ASP A 699 -1.03 -8.63 2.81
CA ASP A 699 -0.73 -9.09 1.45
C ASP A 699 -0.61 -7.91 0.51
N MET A 700 -1.65 -7.07 0.52
CA MET A 700 -1.73 -5.90 -0.35
C MET A 700 -0.50 -5.03 -0.28
N LEU A 701 -0.03 -4.78 0.94
CA LEU A 701 1.11 -3.89 1.19
C LEU A 701 2.41 -4.48 0.68
N ILE A 702 2.70 -5.72 1.09
CA ILE A 702 3.84 -6.48 0.57
C ILE A 702 3.89 -6.39 -0.95
N LEU A 703 2.78 -6.76 -1.61
CA LEU A 703 2.67 -6.77 -3.07
C LEU A 703 2.96 -5.40 -3.67
N GLN A 704 2.53 -4.34 -3.00
CA GLN A 704 2.79 -3.01 -3.47
C GLN A 704 4.27 -2.71 -3.42
N ILE A 705 4.94 -3.17 -2.36
CA ILE A 705 6.37 -2.97 -2.22
C ILE A 705 7.12 -3.79 -3.28
N LEU A 706 6.60 -4.99 -3.57
CA LEU A 706 7.13 -5.81 -4.64
C LEU A 706 7.09 -5.08 -5.98
N ARG A 707 6.00 -4.38 -6.26
CA ARG A 707 5.89 -3.60 -7.49
C ARG A 707 6.82 -2.38 -7.49
N ILE A 708 7.15 -1.90 -6.30
CA ILE A 708 8.12 -0.81 -6.15
C ILE A 708 9.54 -1.33 -6.34
N MET A 709 9.77 -2.59 -6.00
CA MET A 709 11.08 -3.21 -6.16
C MET A 709 11.39 -3.44 -7.65
N GLU A 710 10.40 -3.93 -8.40
CA GLU A 710 10.51 -4.04 -9.85
C GLU A 710 10.83 -2.68 -10.45
N SER A 711 10.22 -1.63 -9.88
CA SER A 711 10.34 -0.27 -10.37
C SER A 711 11.75 0.32 -10.22
N ILE A 712 12.51 -0.16 -9.24
CA ILE A 712 13.91 0.25 -9.09
C ILE A 712 14.77 -0.51 -10.09
N TRP A 713 14.57 -1.82 -10.13
CA TRP A 713 15.28 -2.68 -11.05
C TRP A 713 15.09 -2.28 -12.52
N GLU A 714 13.87 -1.90 -12.90
CA GLU A 714 13.57 -1.43 -14.26
C GLU A 714 14.45 -0.24 -14.66
N THR A 715 14.77 0.61 -13.70
CA THR A 715 15.57 1.80 -13.97
C THR A 715 17.05 1.46 -14.00
N GLU A 716 17.37 0.21 -13.68
CA GLU A 716 18.74 -0.30 -13.79
C GLU A 716 18.83 -1.49 -14.76
N SER A 717 17.91 -1.52 -15.72
CA SER A 717 17.87 -2.53 -16.78
C SER A 717 17.80 -3.96 -16.23
N LEU A 718 16.97 -4.13 -15.19
CA LEU A 718 16.82 -5.42 -14.51
C LEU A 718 15.38 -5.87 -14.48
N ASP A 719 15.12 -7.05 -15.05
CA ASP A 719 13.82 -7.69 -14.97
C ASP A 719 13.96 -8.97 -14.17
N LEU A 720 13.52 -8.92 -12.92
CA LEU A 720 13.66 -10.04 -12.00
C LEU A 720 12.41 -10.90 -11.96
N CYS A 721 11.56 -10.71 -12.97
CA CYS A 721 10.38 -11.54 -13.17
C CYS A 721 9.53 -11.78 -11.93
N LEU A 722 9.22 -10.72 -11.21
CA LEU A 722 8.31 -10.81 -10.05
C LEU A 722 6.89 -10.96 -10.59
N LEU A 723 6.10 -11.81 -9.94
CA LEU A 723 4.71 -12.00 -10.35
C LEU A 723 3.73 -11.58 -9.24
N PRO A 724 3.59 -10.27 -8.99
CA PRO A 724 2.82 -9.80 -7.84
C PRO A 724 1.33 -9.77 -8.16
N TYR A 725 0.70 -10.94 -8.10
CA TYR A 725 -0.71 -11.15 -8.41
C TYR A 725 -1.63 -10.12 -7.76
N GLY A 726 -2.71 -9.77 -8.46
CA GLY A 726 -3.68 -8.78 -7.97
C GLY A 726 -4.45 -9.21 -6.74
N CYS A 727 -4.73 -8.27 -5.84
CA CYS A 727 -5.26 -8.59 -4.51
C CYS A 727 -5.86 -7.38 -3.76
N ILE A 728 -7.13 -7.49 -3.36
CA ILE A 728 -7.81 -6.43 -2.61
C ILE A 728 -8.47 -6.94 -1.33
N SER A 729 -8.20 -6.26 -0.21
CA SER A 729 -8.91 -6.51 1.03
C SER A 729 -10.25 -5.77 0.98
N THR A 730 -11.32 -6.50 1.25
CA THR A 730 -12.66 -5.96 1.10
C THR A 730 -13.38 -5.81 2.44
N GLY A 731 -12.87 -6.53 3.45
CA GLY A 731 -13.43 -6.45 4.79
C GLY A 731 -12.48 -7.01 5.85
N ASP A 732 -13.07 -7.44 6.96
CA ASP A 732 -12.31 -7.94 8.10
C ASP A 732 -11.77 -9.35 7.88
N LYS A 733 -10.45 -9.45 7.73
CA LYS A 733 -9.78 -10.71 7.44
C LYS A 733 -10.44 -11.46 6.28
N ILE A 734 -10.93 -10.69 5.30
CA ILE A 734 -11.68 -11.22 4.15
C ILE A 734 -11.44 -10.35 2.89
N GLY A 735 -11.39 -10.98 1.73
CA GLY A 735 -11.15 -10.26 0.48
C GLY A 735 -11.11 -11.12 -0.77
N MET A 736 -10.32 -10.69 -1.75
CA MET A 736 -10.22 -11.37 -3.03
C MET A 736 -8.78 -11.51 -3.53
N ILE A 737 -8.61 -12.28 -4.60
CA ILE A 737 -7.29 -12.69 -5.10
C ILE A 737 -7.30 -13.01 -6.60
N GLU A 738 -6.22 -12.63 -7.28
CA GLU A 738 -6.03 -12.97 -8.69
C GLU A 738 -5.48 -14.38 -8.81
N ILE A 739 -6.20 -15.24 -9.52
CA ILE A 739 -5.72 -16.58 -9.84
C ILE A 739 -4.76 -16.47 -11.01
N VAL A 740 -3.50 -16.81 -10.77
CA VAL A 740 -2.50 -16.84 -11.83
C VAL A 740 -2.61 -18.17 -12.58
N LYS A 741 -2.95 -18.09 -13.86
CA LYS A 741 -3.15 -19.26 -14.74
C LYS A 741 -1.90 -20.12 -14.92
N ASP A 742 -2.10 -21.42 -15.13
CA ASP A 742 -1.02 -22.38 -15.45
C ASP A 742 0.09 -22.44 -14.38
N ALA A 743 -0.30 -22.66 -13.13
CA ALA A 743 0.63 -22.65 -12.02
C ALA A 743 0.20 -23.61 -10.93
N THR A 744 1.15 -24.17 -10.20
CA THR A 744 0.81 -24.85 -8.95
C THR A 744 1.79 -24.50 -7.85
N THR A 745 1.56 -25.14 -6.70
CA THR A 745 2.41 -25.02 -5.52
C THR A 745 3.61 -25.94 -5.67
N ILE A 746 4.75 -25.52 -5.13
CA ILE A 746 5.94 -26.38 -5.06
C ILE A 746 5.77 -27.55 -4.09
N ALA A 747 4.93 -27.37 -3.08
CA ALA A 747 4.50 -28.46 -2.21
C ALA A 747 3.67 -29.50 -2.98
N LYS A 748 2.79 -29.03 -3.86
CA LYS A 748 1.99 -29.94 -4.71
C LYS A 748 2.84 -30.70 -5.70
N ILE A 749 3.89 -30.05 -6.20
CA ILE A 749 4.83 -30.66 -7.13
C ILE A 749 5.69 -31.69 -6.41
N GLN A 750 5.94 -31.44 -5.12
CA GLN A 750 6.59 -32.41 -4.26
C GLN A 750 5.65 -33.56 -3.88
N GLN A 751 4.42 -33.23 -3.51
CA GLN A 751 3.38 -34.23 -3.19
C GLN A 751 3.19 -35.28 -4.29
N SER A 752 3.54 -34.92 -5.52
CA SER A 752 3.32 -35.75 -6.71
C SER A 752 4.20 -37.01 -6.81
N THR A 753 4.96 -37.32 -5.75
CA THR A 753 5.87 -38.46 -5.75
C THR A 753 5.84 -39.19 -4.39
N GLY A 758 6.07 -36.56 3.08
CA GLY A 758 7.08 -35.80 3.81
C GLY A 758 8.53 -36.05 3.40
N ALA A 759 8.78 -37.19 2.77
CA ALA A 759 10.12 -37.56 2.31
C ALA A 759 10.45 -36.90 0.96
N PHE A 760 10.99 -35.69 1.02
CA PHE A 760 11.18 -34.86 -0.18
C PHE A 760 12.22 -35.38 -1.18
N LYS A 761 12.11 -34.95 -2.44
CA LYS A 761 13.01 -35.41 -3.51
C LYS A 761 13.54 -34.27 -4.40
N ASP A 762 14.78 -34.41 -4.86
CA ASP A 762 15.52 -33.33 -5.52
C ASP A 762 15.17 -33.07 -6.98
N GLU A 763 14.90 -34.14 -7.72
CA GLU A 763 14.78 -34.06 -9.18
C GLU A 763 13.46 -33.46 -9.64
N VAL A 764 12.37 -33.88 -8.99
CA VAL A 764 11.00 -33.69 -9.49
C VAL A 764 10.58 -32.27 -9.93
N LEU A 765 11.27 -31.24 -9.46
CA LEU A 765 10.96 -29.88 -9.91
C LEU A 765 11.43 -29.63 -11.34
N ASN A 766 12.68 -29.99 -11.63
CA ASN A 766 13.19 -29.93 -13.00
C ASN A 766 12.42 -30.88 -13.92
N HIS A 767 12.13 -32.08 -13.41
CA HIS A 767 11.33 -33.08 -14.14
C HIS A 767 9.95 -32.54 -14.52
N TRP A 768 9.30 -31.90 -13.54
CA TRP A 768 7.99 -31.28 -13.73
C TRP A 768 8.10 -30.10 -14.71
N LEU A 769 9.19 -29.35 -14.58
CA LEU A 769 9.41 -28.15 -15.38
C LEU A 769 9.61 -28.51 -16.85
N LYS A 770 10.25 -29.64 -17.10
CA LYS A 770 10.45 -30.15 -18.47
C LYS A 770 9.12 -30.64 -19.06
N GLU A 771 8.42 -31.49 -18.31
CA GLU A 771 7.21 -32.15 -18.83
C GLU A 771 6.04 -31.19 -19.11
N LYS A 772 6.29 -29.90 -18.95
CA LYS A 772 5.30 -28.87 -19.29
C LYS A 772 5.62 -28.16 -20.59
N SER A 773 6.92 -27.90 -20.82
CA SER A 773 7.40 -27.25 -22.04
C SER A 773 7.64 -28.25 -23.16
N PRO A 774 7.12 -27.96 -24.37
CA PRO A 774 7.40 -28.78 -25.55
C PRO A 774 8.81 -28.58 -26.11
N THR A 775 9.17 -27.34 -26.45
CA THR A 775 10.44 -27.05 -27.11
C THR A 775 11.59 -26.75 -26.14
N GLU A 776 12.82 -26.77 -26.67
CA GLU A 776 14.01 -26.53 -25.89
C GLU A 776 14.22 -25.04 -25.63
N GLU A 777 13.83 -24.20 -26.59
CA GLU A 777 13.79 -22.76 -26.41
C GLU A 777 12.98 -22.42 -25.17
N LYS A 778 11.73 -22.90 -25.15
CA LYS A 778 10.78 -22.62 -24.08
C LYS A 778 11.30 -23.07 -22.73
N PHE A 779 11.79 -24.30 -22.66
CA PHE A 779 12.39 -24.85 -21.45
C PHE A 779 13.60 -24.04 -21.01
N GLN A 780 14.43 -23.60 -21.97
CA GLN A 780 15.58 -22.77 -21.65
C GLN A 780 15.16 -21.39 -21.19
N ALA A 781 14.07 -20.88 -21.78
CA ALA A 781 13.44 -19.66 -21.31
C ALA A 781 12.90 -19.88 -19.90
N ALA A 782 12.11 -20.95 -19.73
CA ALA A 782 11.50 -21.30 -18.44
C ALA A 782 12.52 -21.40 -17.32
N VAL A 783 13.62 -22.12 -17.56
CA VAL A 783 14.69 -22.27 -16.57
C VAL A 783 15.36 -20.92 -16.27
N GLU A 784 15.52 -20.08 -17.28
CA GLU A 784 16.03 -18.71 -17.07
C GLU A 784 15.04 -17.88 -16.25
N ARG A 785 13.75 -18.01 -16.61
CA ARG A 785 12.68 -17.30 -15.91
C ARG A 785 12.69 -17.67 -14.44
N PHE A 786 12.86 -18.96 -14.16
CA PHE A 786 13.07 -19.45 -12.82
C PHE A 786 14.27 -18.79 -12.14
N VAL A 787 15.42 -18.77 -12.82
CA VAL A 787 16.64 -18.22 -12.25
C VAL A 787 16.46 -16.74 -11.88
N TYR A 788 15.78 -15.98 -12.74
CA TYR A 788 15.47 -14.58 -12.41
C TYR A 788 14.44 -14.46 -11.29
N SER A 789 13.30 -15.13 -11.44
CA SER A 789 12.21 -15.02 -10.47
C SER A 789 12.64 -15.47 -9.09
N CYS A 790 13.38 -16.58 -9.04
CA CYS A 790 13.92 -17.08 -7.78
C CYS A 790 14.90 -16.09 -7.15
N ALA A 791 15.84 -15.57 -7.95
CA ALA A 791 16.72 -14.50 -7.47
C ALA A 791 15.88 -13.33 -6.99
N GLY A 792 14.85 -13.01 -7.78
CA GLY A 792 13.92 -11.92 -7.50
C GLY A 792 13.28 -12.01 -6.13
N TYR A 793 12.68 -13.16 -5.83
CA TYR A 793 12.09 -13.35 -4.52
C TYR A 793 13.17 -13.46 -3.44
N CYS A 794 14.21 -14.24 -3.70
CA CYS A 794 15.31 -14.32 -2.74
C CYS A 794 15.77 -12.94 -2.27
N VAL A 795 15.90 -11.98 -3.19
CA VAL A 795 16.28 -10.61 -2.80
C VAL A 795 15.12 -9.91 -2.08
N ALA A 796 13.97 -9.82 -2.76
CA ALA A 796 12.78 -9.18 -2.20
C ALA A 796 12.44 -9.77 -0.84
N THR A 797 12.14 -11.06 -0.84
CA THR A 797 11.66 -11.79 0.32
C THR A 797 12.67 -11.78 1.48
N PHE A 798 13.95 -11.58 1.17
CA PHE A 798 14.96 -11.47 2.21
C PHE A 798 14.96 -10.09 2.85
N VAL A 799 14.95 -9.05 2.00
CA VAL A 799 14.96 -7.66 2.46
C VAL A 799 13.73 -7.33 3.31
N LEU A 800 12.59 -7.91 2.97
CA LEU A 800 11.36 -7.65 3.72
C LEU A 800 11.23 -8.47 4.99
N GLY A 801 12.06 -9.50 5.12
CA GLY A 801 12.07 -10.32 6.33
C GLY A 801 10.97 -11.34 6.38
N ILE A 802 10.48 -11.74 5.21
CA ILE A 802 9.47 -12.78 5.10
C ILE A 802 10.04 -13.95 4.32
N GLY A 803 11.35 -14.15 4.47
CA GLY A 803 12.08 -15.16 3.72
C GLY A 803 11.78 -16.60 4.08
N ASP A 804 11.72 -16.88 5.38
CA ASP A 804 11.51 -18.24 5.85
C ASP A 804 10.06 -18.70 5.70
N ARG A 805 9.67 -19.09 4.49
CA ARG A 805 8.29 -19.47 4.19
C ARG A 805 8.17 -20.96 4.01
N HIS A 806 6.96 -21.50 4.23
CA HIS A 806 6.68 -22.90 3.98
C HIS A 806 6.49 -23.21 2.49
N ASN A 807 6.76 -24.47 2.15
CA ASN A 807 6.58 -25.06 0.83
C ASN A 807 5.27 -24.74 0.13
N ASP A 808 4.15 -24.82 0.87
CA ASP A 808 2.82 -24.54 0.31
C ASP A 808 2.73 -23.16 -0.31
N ASN A 809 3.49 -22.21 0.24
CA ASN A 809 3.32 -20.80 -0.10
C ASN A 809 4.16 -20.27 -1.25
N ILE A 810 5.02 -21.11 -1.82
CA ILE A 810 5.75 -20.73 -3.03
C ILE A 810 5.15 -21.44 -4.23
N MET A 811 4.92 -20.68 -5.29
CA MET A 811 4.29 -21.19 -6.49
C MET A 811 5.11 -20.89 -7.71
N ILE A 812 4.96 -21.74 -8.72
CA ILE A 812 5.65 -21.56 -9.99
C ILE A 812 4.65 -21.72 -11.12
N THR A 813 4.78 -20.89 -12.15
CA THR A 813 4.02 -21.07 -13.38
C THR A 813 4.76 -22.07 -14.28
N GLU A 814 3.98 -22.80 -15.07
CA GLU A 814 4.53 -23.74 -16.05
C GLU A 814 5.43 -23.01 -17.04
N THR A 815 5.28 -21.70 -17.16
CA THR A 815 6.16 -20.89 -18.00
C THR A 815 7.51 -20.64 -17.33
N GLY A 816 7.69 -21.17 -16.11
CA GLY A 816 8.94 -21.02 -15.37
C GLY A 816 8.91 -20.03 -14.22
N ASN A 817 7.98 -19.07 -14.29
CA ASN A 817 7.90 -17.98 -13.32
C ASN A 817 7.49 -18.47 -11.94
N LEU A 818 8.27 -18.07 -10.95
CA LEU A 818 8.06 -18.48 -9.58
C LEU A 818 7.56 -17.27 -8.80
N PHE A 819 6.74 -17.51 -7.79
CA PHE A 819 6.18 -16.44 -6.96
C PHE A 819 5.60 -16.97 -5.66
N HIS A 820 5.69 -16.14 -4.61
CA HIS A 820 5.16 -16.43 -3.28
C HIS A 820 3.70 -15.99 -3.15
N ILE A 821 2.96 -16.63 -2.25
CA ILE A 821 1.56 -16.31 -1.98
C ILE A 821 1.32 -16.29 -0.47
N ASP A 822 0.17 -15.76 -0.04
CA ASP A 822 -0.21 -15.73 1.39
C ASP A 822 0.76 -14.98 2.27
N PHE A 823 0.63 -13.66 2.35
CA PHE A 823 1.51 -12.91 3.23
C PHE A 823 0.86 -12.62 4.59
N GLY A 824 -0.47 -12.78 4.65
CA GLY A 824 -1.21 -12.73 5.91
C GLY A 824 -0.87 -13.93 6.78
N HIS A 825 -0.41 -15.01 6.14
CA HIS A 825 0.16 -16.15 6.84
C HIS A 825 1.63 -15.88 7.22
N GLU A 839 15.74 -22.37 14.47
CA GLU A 839 16.38 -23.01 13.32
C GLU A 839 15.90 -22.42 12.00
N ARG A 840 16.36 -21.21 11.70
CA ARG A 840 15.78 -20.38 10.63
C ARG A 840 16.60 -20.34 9.33
N VAL A 841 16.06 -19.61 8.35
CA VAL A 841 16.60 -19.50 7.00
C VAL A 841 16.23 -18.12 6.44
N PRO A 842 17.13 -17.51 5.64
CA PRO A 842 16.85 -16.17 5.09
C PRO A 842 15.86 -16.14 3.92
N PHE A 843 15.82 -17.21 3.12
CA PHE A 843 14.92 -17.33 1.98
C PHE A 843 14.88 -18.75 1.42
N VAL A 844 13.81 -19.12 0.73
CA VAL A 844 13.70 -20.46 0.20
C VAL A 844 14.55 -20.62 -1.07
N LEU A 845 15.56 -21.47 -0.98
CA LEU A 845 16.44 -21.81 -2.09
C LEU A 845 16.86 -23.27 -1.90
N THR A 846 15.88 -24.16 -2.03
CA THR A 846 16.07 -25.57 -1.70
C THR A 846 16.86 -26.36 -2.76
N PRO A 847 17.33 -27.57 -2.40
CA PRO A 847 18.03 -28.42 -3.38
C PRO A 847 17.25 -28.82 -4.65
N ASP A 848 15.95 -28.55 -4.71
CA ASP A 848 15.22 -28.77 -5.96
C ASP A 848 15.30 -27.54 -6.85
N PHE A 849 15.31 -26.37 -6.21
CA PHE A 849 15.58 -25.09 -6.87
C PHE A 849 16.98 -25.15 -7.50
N LEU A 850 17.95 -25.56 -6.70
CA LEU A 850 19.35 -25.66 -7.12
C LEU A 850 19.53 -26.69 -8.22
N PHE A 851 18.89 -27.85 -8.05
CA PHE A 851 18.89 -28.91 -9.05
C PHE A 851 18.53 -28.41 -10.45
N VAL A 852 17.62 -27.44 -10.51
CA VAL A 852 17.19 -26.83 -11.76
C VAL A 852 18.29 -25.93 -12.34
N MET A 853 19.09 -25.36 -11.46
CA MET A 853 20.19 -24.50 -11.87
C MET A 853 21.41 -25.32 -12.23
N GLY A 854 21.36 -26.62 -11.94
CA GLY A 854 22.46 -27.55 -12.20
C GLY A 854 23.43 -27.60 -11.04
N THR A 855 22.89 -27.89 -9.84
CA THR A 855 23.65 -27.87 -8.60
C THR A 855 23.02 -28.76 -7.53
N SER A 856 23.85 -29.53 -6.83
CA SER A 856 23.41 -30.29 -5.66
C SER A 856 24.52 -30.39 -4.62
N GLY A 857 24.21 -30.01 -3.38
CA GLY A 857 25.15 -30.08 -2.26
C GLY A 857 26.40 -29.22 -2.41
N LYS A 858 27.43 -29.81 -3.02
CA LYS A 858 28.69 -29.12 -3.28
C LYS A 858 28.96 -29.03 -4.78
N LYS A 859 28.41 -28.01 -5.43
CA LYS A 859 28.58 -27.80 -6.88
C LYS A 859 28.34 -26.35 -7.30
N THR A 860 28.57 -26.07 -8.58
CA THR A 860 28.32 -24.79 -9.19
C THR A 860 28.10 -25.02 -10.68
N SER A 861 27.33 -24.15 -11.32
CA SER A 861 27.13 -24.23 -12.76
C SER A 861 27.16 -22.82 -13.37
N PRO A 862 27.32 -22.73 -14.70
CA PRO A 862 27.16 -21.43 -15.36
C PRO A 862 25.79 -20.79 -15.11
N HIS A 863 24.76 -21.61 -14.86
CA HIS A 863 23.41 -21.12 -14.54
C HIS A 863 23.24 -20.70 -13.07
N PHE A 864 24.00 -21.34 -12.19
CA PHE A 864 24.00 -20.98 -10.77
C PHE A 864 24.83 -19.73 -10.51
N GLN A 865 26.01 -19.66 -11.13
CA GLN A 865 26.88 -18.47 -11.04
C GLN A 865 26.20 -17.25 -11.63
N LYS A 866 25.19 -17.49 -12.49
CA LYS A 866 24.34 -16.44 -12.99
C LYS A 866 23.43 -15.98 -11.85
N PHE A 867 22.77 -16.95 -11.19
CA PHE A 867 21.91 -16.67 -10.05
C PHE A 867 22.57 -15.69 -9.08
N GLN A 868 23.77 -16.02 -8.63
CA GLN A 868 24.50 -15.17 -7.68
C GLN A 868 24.83 -13.80 -8.26
N ASP A 869 25.14 -13.77 -9.55
CA ASP A 869 25.40 -12.53 -10.28
C ASP A 869 24.17 -11.63 -10.26
N ILE A 870 23.00 -12.19 -10.55
CA ILE A 870 21.73 -11.45 -10.56
C ILE A 870 21.39 -10.95 -9.16
N CYS A 871 21.41 -11.87 -8.20
CA CYS A 871 21.16 -11.55 -6.79
C CYS A 871 21.96 -10.34 -6.36
N VAL A 872 23.28 -10.48 -6.30
CA VAL A 872 24.16 -9.38 -5.93
C VAL A 872 23.74 -8.09 -6.63
N LYS A 873 23.65 -8.13 -7.96
CA LYS A 873 23.25 -6.95 -8.72
C LYS A 873 21.87 -6.44 -8.30
N ALA A 874 20.92 -7.37 -8.16
CA ALA A 874 19.61 -7.04 -7.62
C ALA A 874 19.72 -6.49 -6.21
N TYR A 875 20.55 -7.15 -5.39
CA TYR A 875 20.68 -6.76 -3.99
C TYR A 875 21.22 -5.35 -3.78
N LEU A 876 22.22 -4.95 -4.57
CA LEU A 876 22.77 -3.60 -4.41
C LEU A 876 22.04 -2.54 -5.21
N ALA A 877 21.16 -2.97 -6.12
CA ALA A 877 20.22 -2.05 -6.75
C ALA A 877 19.30 -1.50 -5.67
N LEU A 878 18.63 -2.40 -4.92
CA LEU A 878 17.74 -2.03 -3.81
C LEU A 878 18.47 -1.16 -2.81
N ARG A 879 19.69 -1.57 -2.46
CA ARG A 879 20.52 -0.83 -1.51
C ARG A 879 20.75 0.62 -1.91
N HIS A 880 20.79 0.88 -3.22
CA HIS A 880 20.84 2.26 -3.71
C HIS A 880 19.59 3.08 -3.31
N HIS A 881 18.53 2.39 -2.90
CA HIS A 881 17.31 3.07 -2.47
C HIS A 881 16.94 2.75 -1.03
N THR A 882 17.99 2.60 -0.21
CA THR A 882 17.88 2.33 1.22
C THR A 882 16.82 3.22 1.90
N ASN A 883 17.05 4.54 1.85
CA ASN A 883 16.11 5.50 2.42
C ASN A 883 14.65 5.29 2.03
N LEU A 884 14.40 5.06 0.73
CA LEU A 884 13.06 4.74 0.26
C LEU A 884 12.49 3.50 0.94
N LEU A 885 13.22 2.40 0.87
CA LEU A 885 12.78 1.10 1.40
C LEU A 885 12.49 1.11 2.90
N ILE A 886 13.34 1.79 3.66
CA ILE A 886 13.25 1.84 5.11
C ILE A 886 11.94 2.48 5.52
N ILE A 887 11.61 3.59 4.85
CA ILE A 887 10.34 4.29 5.05
C ILE A 887 9.14 3.40 4.72
N LEU A 888 9.15 2.82 3.53
CA LEU A 888 8.04 2.01 3.09
C LEU A 888 7.81 0.87 4.05
N PHE A 889 8.90 0.21 4.44
CA PHE A 889 8.88 -0.84 5.44
C PHE A 889 8.27 -0.32 6.76
N SER A 890 8.78 0.82 7.23
CA SER A 890 8.37 1.36 8.51
C SER A 890 6.90 1.71 8.51
N MET A 891 6.44 2.29 7.41
CA MET A 891 5.06 2.72 7.28
C MET A 891 4.13 1.52 7.13
N MET A 892 4.63 0.47 6.48
CA MET A 892 3.88 -0.77 6.32
C MET A 892 3.58 -1.41 7.66
N LEU A 893 4.54 -1.34 8.57
CA LEU A 893 4.37 -1.92 9.91
C LEU A 893 3.45 -1.07 10.78
N MET A 894 3.67 0.24 10.79
CA MET A 894 2.87 1.15 11.60
C MET A 894 1.40 1.15 11.20
N THR A 895 1.12 0.93 9.91
CA THR A 895 -0.26 0.96 9.40
C THR A 895 -0.87 -0.40 9.05
N GLY A 896 -0.09 -1.47 9.11
CA GLY A 896 -0.54 -2.78 8.63
C GLY A 896 -0.29 -4.02 9.47
N MET A 897 0.64 -3.96 10.41
CA MET A 897 1.01 -5.11 11.28
C MET A 897 0.66 -4.93 12.77
N PRO A 898 0.65 -6.04 13.56
CA PRO A 898 0.44 -6.07 15.02
C PRO A 898 0.84 -4.78 15.78
N SER A 902 6.74 -2.45 16.92
CA SER A 902 7.82 -2.31 17.90
C SER A 902 9.12 -1.78 17.28
N LYS A 903 9.83 -0.93 18.02
CA LYS A 903 11.11 -0.34 17.59
C LYS A 903 12.07 -1.35 16.96
N GLU A 904 12.02 -2.58 17.48
CA GLU A 904 12.92 -3.66 17.08
C GLU A 904 12.60 -4.13 15.66
N ASP A 905 11.36 -4.57 15.45
CA ASP A 905 10.90 -5.04 14.14
C ASP A 905 11.20 -4.07 13.00
N ILE A 906 11.18 -2.78 13.32
CA ILE A 906 11.39 -1.73 12.32
C ILE A 906 12.80 -1.80 11.76
N GLU A 907 13.71 -2.43 12.50
CA GLU A 907 15.13 -2.35 12.17
C GLU A 907 15.74 -3.60 11.57
N TYR A 908 14.90 -4.57 11.20
CA TYR A 908 15.38 -5.75 10.47
C TYR A 908 15.96 -5.31 9.13
N ILE A 909 15.25 -4.38 8.48
CA ILE A 909 15.64 -3.85 7.18
C ILE A 909 17.00 -3.10 7.21
N ARG A 910 17.37 -2.56 8.38
CA ARG A 910 18.71 -1.95 8.53
C ARG A 910 19.80 -3.02 8.47
N ASP A 911 19.57 -4.14 9.14
CA ASP A 911 20.46 -5.28 9.08
C ASP A 911 20.38 -5.95 7.71
N ALA A 912 19.18 -6.00 7.14
CA ALA A 912 18.96 -6.62 5.83
C ALA A 912 19.58 -5.82 4.69
N LEU A 913 19.56 -4.50 4.82
CA LEU A 913 20.13 -3.61 3.80
C LEU A 913 21.57 -3.21 4.12
N THR A 914 22.07 -3.65 5.28
CA THR A 914 23.45 -3.39 5.70
C THR A 914 23.88 -1.93 5.53
N VAL A 915 23.27 -1.07 6.34
CA VAL A 915 23.59 0.36 6.34
C VAL A 915 24.98 0.57 6.94
N GLY A 916 25.71 1.53 6.39
CA GLY A 916 27.07 1.85 6.86
C GLY A 916 28.15 1.01 6.22
N LYS A 917 27.74 -0.07 5.54
CA LYS A 917 28.64 -0.94 4.82
C LYS A 917 28.94 -0.41 3.43
N ASN A 918 30.17 -0.59 2.96
CA ASN A 918 30.51 -0.26 1.58
C ASN A 918 29.92 -1.29 0.60
N GLU A 919 30.23 -1.13 -0.68
CA GLU A 919 29.59 -1.94 -1.72
C GLU A 919 30.10 -3.38 -1.76
N GLU A 920 31.42 -3.55 -1.74
CA GLU A 920 32.06 -4.86 -1.79
C GLU A 920 31.73 -5.75 -0.57
N ASP A 921 31.47 -5.12 0.58
CA ASP A 921 31.00 -5.83 1.77
C ASP A 921 29.63 -6.48 1.53
N ALA A 922 28.69 -5.65 1.04
CA ALA A 922 27.32 -6.08 0.77
C ALA A 922 27.26 -7.22 -0.23
N LYS A 923 28.11 -7.13 -1.26
CA LYS A 923 28.32 -8.21 -2.20
C LYS A 923 28.49 -9.51 -1.42
N LYS A 924 29.48 -9.51 -0.53
CA LYS A 924 29.85 -10.69 0.24
C LYS A 924 28.80 -11.08 1.27
N TYR A 925 28.08 -10.09 1.79
CA TYR A 925 27.02 -10.32 2.77
C TYR A 925 25.91 -11.18 2.18
N PHE A 926 25.43 -10.80 0.99
CA PHE A 926 24.36 -11.53 0.34
C PHE A 926 24.82 -12.90 -0.18
N LEU A 927 26.05 -12.95 -0.71
CA LEU A 927 26.65 -14.21 -1.15
C LEU A 927 26.75 -15.25 -0.04
N ASP A 928 27.04 -14.79 1.18
CA ASP A 928 27.08 -15.67 2.35
C ASP A 928 25.69 -16.09 2.83
N GLN A 929 24.68 -15.26 2.54
CA GLN A 929 23.27 -15.58 2.82
C GLN A 929 22.76 -16.70 1.90
N ILE A 930 23.21 -16.65 0.65
CA ILE A 930 23.02 -17.75 -0.32
C ILE A 930 23.61 -19.04 0.28
N GLU A 931 24.85 -18.93 0.77
CA GLU A 931 25.59 -20.07 1.33
C GLU A 931 24.85 -20.73 2.51
N VAL A 932 24.34 -19.92 3.43
CA VAL A 932 23.58 -20.43 4.58
C VAL A 932 22.45 -21.36 4.15
N CYS A 933 21.73 -20.96 3.10
CA CYS A 933 20.59 -21.72 2.57
C CYS A 933 20.96 -23.11 2.05
N ARG A 934 22.10 -23.19 1.36
CA ARG A 934 22.62 -24.46 0.84
C ARG A 934 22.82 -25.50 1.94
N ASP A 935 23.12 -25.04 3.14
CA ASP A 935 23.42 -25.93 4.26
C ASP A 935 22.18 -26.61 4.83
N LYS A 936 21.14 -25.83 5.11
CA LYS A 936 19.93 -26.35 5.74
C LYS A 936 19.16 -27.32 4.85
N GLY A 937 19.33 -27.17 3.53
CA GLY A 937 18.66 -28.02 2.56
C GLY A 937 17.17 -28.17 2.82
N TRP A 938 16.79 -29.32 3.39
CA TRP A 938 15.38 -29.67 3.60
C TRP A 938 14.98 -29.69 5.07
N THR A 939 15.91 -29.37 5.95
CA THR A 939 15.65 -29.44 7.39
C THR A 939 14.55 -28.47 7.79
N VAL A 940 14.62 -27.25 7.26
CA VAL A 940 13.66 -26.21 7.60
C VAL A 940 12.31 -26.47 6.91
N GLN A 941 12.34 -26.86 5.64
CA GLN A 941 11.12 -27.25 4.93
C GLN A 941 10.42 -28.43 5.60
N PHE A 942 11.21 -29.31 6.20
CA PHE A 942 10.70 -30.45 6.96
C PHE A 942 10.12 -29.99 8.29
N ASN A 943 10.69 -28.91 8.85
CA ASN A 943 10.16 -28.29 10.06
C ASN A 943 8.72 -27.83 9.85
N TRP A 944 8.51 -27.07 8.78
CA TRP A 944 7.20 -26.54 8.44
C TRP A 944 6.17 -27.64 8.17
N PHE A 945 6.65 -28.80 7.70
CA PHE A 945 5.79 -29.99 7.57
C PHE A 945 5.37 -30.50 8.95
N LEU A 946 6.34 -30.67 9.84
CA LEU A 946 6.07 -31.13 11.19
C LEU A 946 5.11 -30.17 11.91
N HIS A 947 5.42 -28.89 11.83
CA HIS A 947 4.66 -27.80 12.44
C HIS A 947 3.17 -27.87 12.08
C4 QJZ B . -3.28 -18.92 -5.91
C5 QJZ B . -2.78 -17.95 -6.80
C6 QJZ B . -2.43 -16.70 -6.29
C8 QJZ B . -3.08 -19.65 -8.27
C10 QJZ B . -3.25 -17.09 -2.70
C13 QJZ B . -3.49 -21.90 -11.17
C15 QJZ B . -2.75 -15.91 -2.13
C21 QJZ B . -5.62 -20.14 -0.70
C12 QJZ B . -3.57 -21.46 -9.71
O14 QJZ B . -4.07 -22.20 -8.85
N11 QJZ B . -3.08 -20.25 -9.46
N9 QJZ B . -2.70 -18.39 -8.08
S7 QJZ B . -3.58 -20.29 -6.80
C3 QJZ B . -3.43 -18.63 -4.55
C1 QJZ B . -2.59 -16.41 -4.94
C2 QJZ B . -3.08 -17.37 -4.06
N19 QJZ B . -3.92 -17.95 -1.92
C16 QJZ B . -2.97 -15.68 -0.77
N17 QJZ B . -3.62 -16.57 -0.05
C18 QJZ B . -4.10 -17.70 -0.60
S20 QJZ B . -4.96 -18.87 0.37
S SO4 C . 13.54 5.78 -24.28
O1 SO4 C . 12.20 5.58 -23.74
O2 SO4 C . 13.49 5.51 -25.72
O3 SO4 C . 13.97 7.15 -24.03
O4 SO4 C . 14.49 4.86 -23.66
#